data_1UYW
#
_entry.id   1UYW
#
_cell.length_a   73.564
_cell.length_b   89.611
_cell.length_c   138.136
_cell.angle_alpha   90.00
_cell.angle_beta   90.00
_cell.angle_gamma   90.00
#
_symmetry.space_group_name_H-M   'P 21 21 21'
#
loop_
_entity.id
_entity.type
_entity.pdbx_description
1 polymer 'FAB ANTIBODY HEAVY CHAIN'
2 polymer 'FAB ANTIBODY LIGHT CHAIN'
3 water water
#
loop_
_entity_poly.entity_id
_entity_poly.type
_entity_poly.pdbx_seq_one_letter_code
_entity_poly.pdbx_strand_id
1 'polypeptide(L)'
;VQLQQSGPELVKPGTSVKISCKTSGYTFTEYTIHWVKEAGGKSLAWIGGIDPNSGGTNYSPNFKGKATLTVDKSSSTAYM
DLRSLSSEDSAVYFCARIYHYDGYFDVWGAGTAVTVSSAKTTAPSVYPLAPVCGDTTGSSVTLGCLVKGYFPEPVTLTWN
SGSLSSGVHTFPAVLQSDLYTLSSSVTVTSSTWPSQSITCNVAHPASSTKVDKKIEPR
;
H,M
2 'polypeptide(L)'
;NIVMTQSPKSMSMSVGERVTLTCKASENVVTYVSWYQQKPEQSPKLLIYGASNRYTGVPDRFTGSGSATDFTLTISSVQA
EDLADYHCGQGYSYPYTFGGGTKLELKRADAAPTVSIFPPSSEQLTSGGASVVCFLNNFYPKDINVKWKIDGSERQNGVL
NSWTDQDSKDSTYSMSSTLTLTKDEYERHNSYTCEATHKTSTSPIVKSFNRN
;
L,N
#
# COMPACT_ATOMS: atom_id res chain seq x y z
N VAL A 1 12.74 -2.83 31.84
CA VAL A 1 11.70 -2.21 32.72
C VAL A 1 10.32 -2.20 32.05
N GLN A 2 9.35 -2.87 32.68
CA GLN A 2 7.97 -2.88 32.19
C GLN A 2 6.99 -2.46 33.28
N LEU A 3 6.04 -1.61 32.91
CA LEU A 3 4.86 -1.32 33.71
C LEU A 3 3.66 -1.91 32.97
N GLN A 4 3.07 -2.96 33.54
CA GLN A 4 2.00 -3.72 32.89
C GLN A 4 0.69 -3.36 33.56
N GLN A 5 -0.19 -2.74 32.79
CA GLN A 5 -1.43 -2.21 33.32
C GLN A 5 -2.58 -3.17 33.07
N SER A 6 -3.56 -3.14 33.98
CA SER A 6 -4.73 -3.98 33.87
C SER A 6 -5.59 -3.56 32.68
N GLY A 7 -6.52 -4.43 32.32
CA GLY A 7 -7.29 -4.27 31.10
C GLY A 7 -8.40 -3.23 31.23
N PRO A 8 -9.08 -2.97 30.12
CA PRO A 8 -10.13 -1.95 30.10
C PRO A 8 -11.33 -2.31 30.95
N GLU A 9 -11.98 -1.29 31.48
CA GLU A 9 -13.05 -1.45 32.46
C GLU A 9 -14.27 -0.65 32.05
N LEU A 10 -15.44 -1.29 32.12
CA LEU A 10 -16.72 -0.62 32.05
C LEU A 10 -17.31 -0.65 33.45
N VAL A 11 -17.61 0.53 33.98
CA VAL A 11 -18.13 0.66 35.33
C VAL A 11 -19.27 1.67 35.35
N LYS A 12 -20.23 1.44 36.23
CA LYS A 12 -21.40 2.28 36.28
C LYS A 12 -21.13 3.56 37.08
N PRO A 13 -21.82 4.64 36.76
CA PRO A 13 -21.68 5.89 37.51
C PRO A 13 -21.94 5.68 39.00
N GLY A 14 -21.10 6.30 39.83
CA GLY A 14 -21.22 6.21 41.28
C GLY A 14 -20.36 5.14 41.92
N THR A 15 -19.94 4.14 41.15
CA THR A 15 -19.09 3.08 41.70
C THR A 15 -17.64 3.51 41.73
N SER A 16 -16.78 2.61 42.18
CA SER A 16 -15.34 2.81 42.19
C SER A 16 -14.70 1.79 41.27
N VAL A 17 -13.50 2.09 40.79
CA VAL A 17 -12.68 1.12 40.07
C VAL A 17 -11.23 1.18 40.54
N LYS A 18 -10.62 0.01 40.68
CA LYS A 18 -9.24 -0.09 41.12
C LYS A 18 -8.44 -0.72 40.00
N ILE A 19 -7.47 0.03 39.48
CA ILE A 19 -6.66 -0.44 38.38
C ILE A 19 -5.22 -0.64 38.85
N SER A 20 -4.50 -1.54 38.19
CA SER A 20 -3.19 -1.98 38.66
C SER A 20 -2.11 -1.72 37.64
N CYS A 21 -0.87 -1.69 38.13
CA CYS A 21 0.31 -1.44 37.34
C CYS A 21 1.37 -2.36 37.92
N LYS A 22 1.60 -3.50 37.29
CA LYS A 22 2.54 -4.48 37.81
C LYS A 22 3.91 -4.19 37.21
N THR A 23 4.89 -3.90 38.06
CA THR A 23 6.22 -3.51 37.60
C THR A 23 7.19 -4.69 37.60
N SER A 24 8.21 -4.58 36.75
CA SER A 24 9.26 -5.60 36.64
C SER A 24 10.52 -5.02 35.99
N GLY A 25 11.66 -5.64 36.25
CA GLY A 25 12.93 -5.27 35.64
C GLY A 25 13.74 -4.28 36.47
N TYR A 26 13.24 -3.98 37.66
CA TYR A 26 13.94 -3.10 38.58
C TYR A 26 13.44 -3.32 40.00
N THR A 27 14.10 -2.70 40.97
CA THR A 27 13.69 -2.84 42.37
C THR A 27 12.58 -1.85 42.66
N PHE A 28 11.37 -2.37 42.86
CA PHE A 28 10.13 -1.59 42.97
C PHE A 28 10.22 -0.45 43.99
N THR A 29 10.85 -0.70 45.13
CA THR A 29 10.93 0.28 46.22
C THR A 29 11.83 1.47 45.93
N GLU A 30 12.60 1.42 44.84
CA GLU A 30 13.61 2.44 44.59
C GLU A 30 13.11 3.64 43.77
N TYR A 31 11.90 3.54 43.19
CA TYR A 31 11.33 4.59 42.35
C TYR A 31 9.87 4.89 42.70
N THR A 32 9.48 6.16 42.62
CA THR A 32 8.08 6.53 42.81
C THR A 32 7.32 6.21 41.53
N ILE A 33 6.10 5.74 41.69
CA ILE A 33 5.21 5.42 40.58
C ILE A 33 4.06 6.42 40.57
N HIS A 34 3.75 6.93 39.39
CA HIS A 34 2.76 8.00 39.24
C HIS A 34 1.66 7.58 38.29
N TRP A 35 0.57 8.33 38.32
CA TRP A 35 -0.58 8.09 37.47
C TRP A 35 -0.95 9.37 36.76
N VAL A 36 -1.39 9.22 35.53
CA VAL A 36 -1.63 10.33 34.63
C VAL A 36 -2.91 10.05 33.84
N LYS A 37 -3.84 11.01 33.83
CA LYS A 37 -5.09 10.88 33.09
C LYS A 37 -5.00 11.51 31.72
N GLU A 38 -5.63 10.87 30.73
CA GLU A 38 -5.82 11.46 29.43
C GLU A 38 -7.20 11.08 28.86
N ALA A 39 -8.13 12.02 28.92
CA ALA A 39 -9.42 11.87 28.27
C ALA A 39 -9.20 11.97 26.76
N GLY A 40 -10.15 11.45 25.99
CA GLY A 40 -9.99 11.36 24.55
C GLY A 40 -10.06 12.76 23.95
N GLY A 41 -9.03 13.10 23.18
CA GLY A 41 -8.90 14.45 22.66
C GLY A 41 -8.56 15.44 23.76
N LYS A 42 -7.60 15.06 24.61
CA LYS A 42 -7.06 16.01 25.56
C LYS A 42 -5.58 15.81 25.90
N SER A 43 -5.07 16.72 26.71
CA SER A 43 -3.71 16.70 27.21
C SER A 43 -3.59 15.78 28.42
N LEU A 44 -2.37 15.66 28.91
CA LEU A 44 -2.07 14.85 30.08
C LEU A 44 -2.36 15.62 31.35
N ALA A 45 -2.89 14.91 32.34
CA ALA A 45 -3.16 15.47 33.66
C ALA A 45 -2.57 14.55 34.73
N TRP A 46 -1.61 15.06 35.49
CA TRP A 46 -1.02 14.32 36.59
C TRP A 46 -2.03 14.15 37.73
N ILE A 47 -2.18 12.91 38.19
CA ILE A 47 -3.09 12.58 39.30
C ILE A 47 -2.34 12.54 40.62
N GLY A 48 -1.23 11.81 40.63
CA GLY A 48 -0.42 11.70 41.82
C GLY A 48 0.65 10.64 41.70
N GLY A 49 1.50 10.57 42.74
CA GLY A 49 2.56 9.61 42.81
C GLY A 49 2.64 9.00 44.19
N ILE A 50 3.23 7.83 44.26
CA ILE A 50 3.46 7.13 45.52
C ILE A 50 4.88 6.56 45.52
N ASP A 51 5.54 6.70 46.67
CA ASP A 51 6.85 6.13 46.92
C ASP A 51 6.56 4.78 47.56
N PRO A 52 6.83 3.65 46.89
CA PRO A 52 6.53 2.35 47.49
C PRO A 52 7.32 2.04 48.76
N ASN A 53 8.55 2.55 48.88
CA ASN A 53 9.37 2.30 50.06
C ASN A 53 8.77 2.88 51.35
N SER A 54 8.37 4.15 51.29
CA SER A 54 7.87 4.88 52.45
C SER A 54 6.35 4.93 52.55
N GLY A 55 5.67 4.61 51.46
CA GLY A 55 4.22 4.79 51.36
C GLY A 55 3.76 6.24 51.15
N GLY A 56 4.71 7.17 51.06
CA GLY A 56 4.38 8.58 50.94
C GLY A 56 3.75 8.92 49.59
N THR A 57 2.67 9.69 49.63
CA THR A 57 1.94 10.08 48.42
C THR A 57 1.93 11.59 48.21
N ASN A 58 1.81 11.99 46.95
CA ASN A 58 1.51 13.37 46.58
C ASN A 58 0.39 13.36 45.54
N TYR A 59 -0.62 14.19 45.73
CA TYR A 59 -1.79 14.22 44.85
C TYR A 59 -1.94 15.59 44.21
N SER A 60 -2.45 15.60 42.98
CA SER A 60 -2.91 16.83 42.38
C SER A 60 -4.15 17.25 43.18
N PRO A 61 -4.30 18.55 43.43
CA PRO A 61 -5.49 19.07 44.11
C PRO A 61 -6.80 18.69 43.39
N ASN A 62 -6.78 18.57 42.07
CA ASN A 62 -7.96 18.16 41.32
C ASN A 62 -8.35 16.69 41.51
N PHE A 63 -7.44 15.88 42.07
CA PHE A 63 -7.70 14.46 42.29
C PHE A 63 -7.68 14.02 43.77
N LYS A 64 -7.43 14.96 44.68
CA LYS A 64 -7.60 14.73 46.12
C LYS A 64 -9.01 14.21 46.35
N GLY A 65 -9.13 13.10 47.08
CA GLY A 65 -10.44 12.52 47.36
C GLY A 65 -11.16 11.83 46.21
N LYS A 66 -10.60 11.87 44.99
CA LYS A 66 -11.11 11.10 43.85
C LYS A 66 -10.22 9.86 43.64
N ALA A 67 -8.90 10.03 43.74
CA ALA A 67 -7.93 8.97 43.54
C ALA A 67 -7.28 8.58 44.86
N THR A 68 -6.99 7.30 45.02
CA THR A 68 -6.21 6.82 46.16
C THR A 68 -5.15 5.87 45.65
N LEU A 69 -3.89 6.16 45.96
CA LEU A 69 -2.77 5.34 45.53
C LEU A 69 -2.28 4.43 46.65
N THR A 70 -2.11 3.16 46.32
CA THR A 70 -1.51 2.17 47.21
C THR A 70 -0.49 1.35 46.44
N VAL A 71 0.32 0.61 47.19
CA VAL A 71 1.19 -0.40 46.61
C VAL A 71 1.04 -1.73 47.35
N ASP A 72 1.45 -2.80 46.66
CA ASP A 72 1.66 -4.11 47.26
C ASP A 72 3.12 -4.45 46.97
N LYS A 73 3.98 -4.27 47.98
CA LYS A 73 5.40 -4.47 47.82
C LYS A 73 5.75 -5.90 47.42
N SER A 74 5.00 -6.87 47.94
CA SER A 74 5.26 -8.29 47.71
C SER A 74 5.06 -8.72 46.26
N SER A 75 4.18 -8.03 45.53
CA SER A 75 3.94 -8.32 44.12
C SER A 75 4.49 -7.23 43.18
N SER A 76 5.31 -6.33 43.72
CA SER A 76 5.83 -5.17 42.98
C SER A 76 4.79 -4.46 42.13
N THR A 77 3.60 -4.24 42.70
CA THR A 77 2.45 -3.70 41.99
C THR A 77 1.92 -2.40 42.62
N ALA A 78 1.62 -1.42 41.78
CA ALA A 78 0.96 -0.19 42.23
C ALA A 78 -0.51 -0.19 41.80
N TYR A 79 -1.34 0.45 42.61
CA TYR A 79 -2.78 0.49 42.38
C TYR A 79 -3.30 1.91 42.49
N MET A 80 -4.33 2.21 41.70
CA MET A 80 -5.06 3.45 41.85
C MET A 80 -6.55 3.16 41.90
N ASP A 81 -7.17 3.52 43.01
CA ASP A 81 -8.62 3.49 43.15
C ASP A 81 -9.22 4.85 42.76
N LEU A 82 -10.25 4.83 41.93
CA LEU A 82 -10.98 6.03 41.54
C LEU A 82 -12.41 5.87 41.98
N ARG A 83 -12.91 6.82 42.77
CA ARG A 83 -14.24 6.69 43.34
C ARG A 83 -15.24 7.69 42.78
N SER A 84 -16.50 7.49 43.17
CA SER A 84 -17.62 8.35 42.79
C SER A 84 -17.57 8.70 41.33
N LEU A 85 -17.47 7.66 40.49
CA LEU A 85 -17.17 7.84 39.09
C LEU A 85 -18.33 8.45 38.31
N SER A 86 -17.98 9.30 37.36
CA SER A 86 -18.93 9.88 36.42
C SER A 86 -18.30 9.84 35.04
N SER A 87 -19.06 10.28 34.03
CA SER A 87 -18.58 10.25 32.66
C SER A 87 -17.37 11.17 32.43
N GLU A 88 -17.20 12.17 33.30
CA GLU A 88 -15.97 13.00 33.35
C GLU A 88 -14.69 12.19 33.60
N ASP A 89 -14.85 11.02 34.21
CA ASP A 89 -13.75 10.14 34.57
C ASP A 89 -13.43 9.12 33.48
N SER A 90 -14.26 9.07 32.44
CA SER A 90 -13.99 8.21 31.30
C SER A 90 -12.75 8.70 30.60
N ALA A 91 -11.72 7.86 30.57
CA ALA A 91 -10.39 8.26 30.13
C ALA A 91 -9.44 7.07 30.08
N VAL A 92 -8.27 7.29 29.49
CA VAL A 92 -7.16 6.37 29.60
C VAL A 92 -6.30 6.81 30.79
N TYR A 93 -5.91 5.86 31.63
CA TYR A 93 -5.10 6.13 32.81
C TYR A 93 -3.76 5.42 32.65
N PHE A 94 -2.70 6.20 32.64
CA PHE A 94 -1.34 5.68 32.50
C PHE A 94 -0.69 5.66 33.86
N CYS A 95 0.08 4.62 34.14
CA CYS A 95 1.06 4.69 35.21
C CYS A 95 2.42 4.95 34.58
N ALA A 96 3.28 5.62 35.33
CA ALA A 96 4.58 6.01 34.83
C ALA A 96 5.56 6.12 36.00
N ARG A 97 6.79 5.77 35.75
CA ARG A 97 7.85 5.83 36.73
C ARG A 97 8.60 7.15 36.57
N ILE A 98 8.87 7.83 37.68
CA ILE A 98 9.76 8.99 37.69
C ILE A 98 11.17 8.49 37.96
N TYR A 99 12.15 9.00 37.21
CA TYR A 99 13.53 8.63 37.43
C TYR A 99 14.06 9.30 38.70
N HIS A 100 14.13 8.50 39.77
CA HIS A 100 14.64 8.96 41.06
C HIS A 100 14.02 10.30 41.49
N TYR A 101 14.83 11.33 41.69
CA TYR A 101 14.32 12.67 42.02
C TYR A 101 14.61 13.67 40.91
N ASP A 102 14.82 13.21 39.68
CA ASP A 102 15.12 14.10 38.55
C ASP A 102 13.86 14.60 37.80
N GLY A 103 12.68 14.20 38.25
CA GLY A 103 11.44 14.81 37.81
C GLY A 103 11.06 14.58 36.35
N TYR A 104 11.45 13.44 35.79
CA TYR A 104 11.01 13.08 34.44
C TYR A 104 10.47 11.66 34.41
N PHE A 105 9.45 11.45 33.59
CA PHE A 105 8.77 10.16 33.52
C PHE A 105 9.45 9.27 32.47
N ASP A 106 10.33 8.37 32.88
CA ASP A 106 11.10 7.60 31.90
C ASP A 106 10.43 6.34 31.35
N VAL A 107 9.57 5.71 32.13
CA VAL A 107 8.87 4.51 31.67
C VAL A 107 7.37 4.67 31.91
N TRP A 108 6.60 4.37 30.86
CA TRP A 108 5.16 4.50 30.87
C TRP A 108 4.49 3.15 30.64
N GLY A 109 3.35 2.94 31.27
CA GLY A 109 2.50 1.81 30.97
C GLY A 109 1.73 2.10 29.71
N ALA A 110 1.09 1.07 29.16
CA ALA A 110 0.29 1.19 27.94
C ALA A 110 -1.04 1.91 28.17
N GLY A 111 -1.41 2.07 29.44
CA GLY A 111 -2.63 2.77 29.81
C GLY A 111 -3.80 1.82 30.00
N THR A 112 -4.76 2.25 30.81
CA THR A 112 -5.98 1.50 31.06
C THR A 112 -7.16 2.40 30.72
N ALA A 113 -7.98 1.97 29.76
CA ALA A 113 -9.18 2.69 29.34
C ALA A 113 -10.34 2.39 30.29
N VAL A 114 -10.81 3.40 31.01
CA VAL A 114 -11.97 3.30 31.87
C VAL A 114 -13.13 4.01 31.22
N THR A 115 -14.22 3.27 30.97
CA THR A 115 -15.48 3.82 30.51
C THR A 115 -16.46 3.82 31.67
N VAL A 116 -17.02 4.99 31.99
CA VAL A 116 -18.05 5.12 33.02
C VAL A 116 -19.37 5.37 32.29
N SER A 117 -20.28 4.41 32.40
CA SER A 117 -21.55 4.48 31.67
C SER A 117 -22.60 3.55 32.25
N SER A 118 -23.86 3.96 32.12
CA SER A 118 -25.00 3.12 32.47
C SER A 118 -25.37 2.12 31.37
N ALA A 119 -24.80 2.29 30.17
CA ALA A 119 -25.20 1.47 29.03
C ALA A 119 -24.71 0.02 29.16
N LYS A 120 -25.48 -0.90 28.57
CA LYS A 120 -25.24 -2.33 28.73
C LYS A 120 -24.30 -2.92 27.68
N THR A 121 -23.49 -3.87 28.15
CA THR A 121 -22.55 -4.58 27.31
C THR A 121 -23.33 -5.30 26.22
N THR A 122 -22.87 -5.16 24.97
CA THR A 122 -23.55 -5.73 23.82
C THR A 122 -22.50 -6.28 22.84
N ALA A 123 -22.72 -7.49 22.33
CA ALA A 123 -21.81 -8.11 21.36
C ALA A 123 -22.03 -7.47 19.99
N PRO A 124 -20.95 -7.35 19.21
CA PRO A 124 -21.05 -6.83 17.83
C PRO A 124 -21.60 -7.86 16.88
N SER A 125 -22.18 -7.41 15.77
CA SER A 125 -22.37 -8.22 14.60
C SER A 125 -21.20 -7.91 13.66
N VAL A 126 -20.66 -8.93 13.01
CA VAL A 126 -19.48 -8.76 12.16
C VAL A 126 -19.84 -9.22 10.76
N TYR A 127 -19.71 -8.30 9.81
CA TYR A 127 -20.17 -8.50 8.45
C TYR A 127 -18.99 -8.34 7.48
N PRO A 128 -18.81 -9.31 6.59
CA PRO A 128 -17.78 -9.20 5.55
C PRO A 128 -18.28 -8.28 4.43
N LEU A 129 -17.39 -7.45 3.91
CA LEU A 129 -17.71 -6.51 2.84
C LEU A 129 -16.88 -6.88 1.62
N ALA A 130 -17.47 -7.65 0.72
CA ALA A 130 -16.82 -8.00 -0.53
C ALA A 130 -17.15 -6.91 -1.54
N PRO A 131 -16.37 -6.80 -2.62
CA PRO A 131 -16.65 -5.76 -3.62
C PRO A 131 -18.00 -5.95 -4.30
N VAL A 132 -18.48 -4.88 -4.91
CA VAL A 132 -19.67 -4.94 -5.76
C VAL A 132 -19.54 -6.13 -6.72
N CYS A 133 -20.66 -6.81 -6.92
CA CYS A 133 -20.78 -7.96 -7.83
C CYS A 133 -20.22 -7.67 -9.23
N GLY A 134 -19.50 -8.65 -9.80
CA GLY A 134 -19.10 -8.60 -11.19
C GLY A 134 -17.61 -8.47 -11.47
N ASP A 135 -17.28 -8.35 -12.76
CA ASP A 135 -15.89 -8.21 -13.21
C ASP A 135 -15.26 -6.97 -12.63
N THR A 136 -14.09 -7.11 -12.01
CA THR A 136 -13.25 -5.97 -11.67
C THR A 136 -12.05 -5.92 -12.64
N THR A 137 -11.67 -4.72 -13.05
CA THR A 137 -10.61 -4.55 -14.05
C THR A 137 -9.43 -3.71 -13.55
N GLY A 138 -9.46 -3.28 -12.31
CA GLY A 138 -8.35 -2.56 -11.70
C GLY A 138 -7.22 -3.49 -11.26
N SER A 139 -6.03 -2.93 -11.06
CA SER A 139 -4.88 -3.69 -10.59
C SER A 139 -5.01 -4.06 -9.11
N SER A 140 -5.81 -3.29 -8.37
CA SER A 140 -6.06 -3.53 -6.95
C SER A 140 -7.53 -3.74 -6.63
N VAL A 141 -7.77 -4.34 -5.48
CA VAL A 141 -9.10 -4.59 -4.96
C VAL A 141 -9.15 -4.24 -3.48
N THR A 142 -10.26 -3.67 -3.05
CA THR A 142 -10.44 -3.27 -1.66
C THR A 142 -11.59 -4.08 -1.05
N LEU A 143 -11.33 -4.65 0.13
CA LEU A 143 -12.32 -5.39 0.91
C LEU A 143 -12.53 -4.68 2.23
N GLY A 144 -13.58 -5.07 2.94
CA GLY A 144 -13.89 -4.45 4.21
C GLY A 144 -14.50 -5.40 5.21
N CYS A 145 -14.67 -4.88 6.40
CA CYS A 145 -15.25 -5.61 7.50
C CYS A 145 -15.99 -4.60 8.35
N LEU A 146 -17.23 -4.89 8.70
CA LEU A 146 -18.05 -3.95 9.44
C LEU A 146 -18.43 -4.60 10.77
N VAL A 147 -18.15 -3.88 11.85
CA VAL A 147 -18.34 -4.39 13.21
C VAL A 147 -19.33 -3.42 13.85
N LYS A 148 -20.56 -3.87 13.99
CA LYS A 148 -21.66 -2.97 14.30
C LYS A 148 -22.40 -3.36 15.58
N GLY A 149 -22.82 -2.35 16.35
CA GLY A 149 -23.74 -2.55 17.47
C GLY A 149 -23.17 -3.13 18.75
N TYR A 150 -21.94 -2.75 19.12
CA TYR A 150 -21.30 -3.26 20.34
C TYR A 150 -21.10 -2.19 21.41
N PHE A 151 -20.91 -2.66 22.64
CA PHE A 151 -20.54 -1.81 23.77
C PHE A 151 -19.93 -2.72 24.84
N PRO A 152 -18.91 -2.29 25.57
CA PRO A 152 -18.17 -1.03 25.37
C PRO A 152 -17.02 -1.22 24.38
N GLU A 153 -16.16 -0.22 24.23
CA GLU A 153 -14.87 -0.44 23.59
C GLU A 153 -14.00 -1.27 24.56
N PRO A 154 -12.96 -1.96 24.11
CA PRO A 154 -12.53 -2.00 22.71
C PRO A 154 -12.95 -3.28 21.98
N VAL A 155 -12.79 -3.23 20.66
CA VAL A 155 -12.60 -4.43 19.87
C VAL A 155 -11.22 -4.40 19.24
N THR A 156 -10.73 -5.57 18.86
CA THR A 156 -9.54 -5.70 18.04
C THR A 156 -9.93 -6.36 16.71
N LEU A 157 -9.54 -5.73 15.62
CA LEU A 157 -9.70 -6.28 14.27
C LEU A 157 -8.24 -6.54 13.92
N THR A 158 -7.89 -7.74 13.47
CA THR A 158 -7.09 -7.94 12.25
C THR A 158 -7.55 -8.63 10.98
N TRP A 159 -6.58 -8.83 10.10
CA TRP A 159 -6.72 -9.53 8.84
C TRP A 159 -5.55 -10.44 8.48
N ASN A 160 -5.80 -11.57 7.80
CA ASN A 160 -5.49 -12.95 8.31
C ASN A 160 -4.62 -13.05 9.58
N SER A 161 -5.24 -12.95 10.75
CA SER A 161 -4.55 -13.04 12.05
C SER A 161 -3.31 -12.13 12.20
N GLY A 162 -3.32 -10.97 11.54
CA GLY A 162 -2.24 -10.01 11.67
C GLY A 162 -1.11 -10.11 10.65
N SER A 163 -1.12 -11.18 9.86
CA SER A 163 -0.13 -11.36 8.78
C SER A 163 -0.38 -10.42 7.60
N LEU A 164 -1.60 -9.88 7.51
CA LEU A 164 -1.95 -8.89 6.49
C LEU A 164 -2.13 -7.53 7.17
N SER A 165 -1.12 -6.68 7.08
CA SER A 165 -1.10 -5.41 7.82
C SER A 165 -0.93 -4.16 6.94
N SER A 166 -0.16 -4.29 5.86
CA SER A 166 0.00 -3.19 4.91
C SER A 166 -1.27 -3.06 4.07
N GLY A 167 -1.63 -1.82 3.76
CA GLY A 167 -2.82 -1.54 2.98
C GLY A 167 -4.10 -1.60 3.81
N VAL A 168 -3.96 -1.62 5.13
CA VAL A 168 -5.10 -1.70 6.03
C VAL A 168 -5.39 -0.34 6.63
N HIS A 169 -6.68 -0.01 6.71
CA HIS A 169 -7.15 1.17 7.42
C HIS A 169 -8.26 0.76 8.35
N THR A 170 -8.00 0.85 9.64
CA THR A 170 -9.02 0.55 10.64
C THR A 170 -9.55 1.86 11.23
N PHE A 171 -10.83 2.11 10.99
CA PHE A 171 -11.47 3.38 11.33
C PHE A 171 -11.89 3.42 12.79
N PRO A 172 -11.55 4.50 13.51
CA PRO A 172 -11.97 4.61 14.91
C PRO A 172 -13.47 4.40 15.08
N ALA A 173 -13.85 3.72 16.16
CA ALA A 173 -15.24 3.47 16.48
C ALA A 173 -15.98 4.78 16.72
N VAL A 174 -17.25 4.81 16.33
CA VAL A 174 -18.13 5.94 16.56
C VAL A 174 -19.33 5.47 17.38
N LEU A 175 -19.70 6.27 18.36
CA LEU A 175 -20.75 5.96 19.32
C LEU A 175 -22.04 6.62 18.88
N GLN A 176 -23.11 5.84 18.81
CA GLN A 176 -24.43 6.36 18.47
C GLN A 176 -25.46 5.56 19.25
N SER A 177 -26.25 6.24 20.06
CA SER A 177 -27.33 5.61 20.81
C SER A 177 -26.82 4.41 21.64
N ASP A 178 -25.70 4.61 22.33
CA ASP A 178 -25.11 3.62 23.24
C ASP A 178 -24.46 2.40 22.56
N LEU A 179 -24.29 2.46 21.24
CA LEU A 179 -23.64 1.38 20.50
C LEU A 179 -22.57 1.91 19.57
N TYR A 180 -21.43 1.24 19.55
CA TYR A 180 -20.33 1.59 18.64
C TYR A 180 -20.43 0.86 17.33
N THR A 181 -19.88 1.50 16.31
CA THR A 181 -19.63 0.88 15.03
C THR A 181 -18.20 1.21 14.61
N LEU A 182 -17.52 0.22 14.05
CA LEU A 182 -16.16 0.35 13.57
C LEU A 182 -16.09 -0.39 12.25
N SER A 183 -15.21 0.04 11.36
CA SER A 183 -15.00 -0.67 10.11
C SER A 183 -13.53 -0.68 9.78
N SER A 184 -13.16 -1.55 8.85
CA SER A 184 -11.78 -1.69 8.42
C SER A 184 -11.79 -2.00 6.94
N SER A 185 -10.85 -1.39 6.21
CA SER A 185 -10.64 -1.74 4.80
C SER A 185 -9.24 -2.34 4.63
N VAL A 186 -9.11 -3.21 3.66
CA VAL A 186 -7.81 -3.79 3.29
C VAL A 186 -7.71 -3.80 1.77
N THR A 187 -6.59 -3.30 1.25
CA THR A 187 -6.38 -3.18 -0.18
C THR A 187 -5.20 -4.05 -0.58
N VAL A 188 -5.42 -4.94 -1.56
CA VAL A 188 -4.42 -5.87 -2.06
C VAL A 188 -4.44 -5.90 -3.60
N THR A 189 -3.44 -6.52 -4.21
CA THR A 189 -3.43 -6.68 -5.67
C THR A 189 -4.55 -7.62 -6.06
N SER A 190 -5.12 -7.39 -7.24
CA SER A 190 -6.23 -8.20 -7.76
C SER A 190 -5.87 -9.67 -8.02
N SER A 191 -4.58 -9.95 -8.22
CA SER A 191 -4.08 -11.33 -8.36
C SER A 191 -3.99 -12.08 -7.01
N THR A 192 -4.12 -11.34 -5.90
CA THR A 192 -4.11 -11.91 -4.56
C THR A 192 -5.49 -12.43 -4.16
N TRP A 193 -6.53 -11.69 -4.51
CA TRP A 193 -7.89 -12.00 -4.08
C TRP A 193 -8.83 -11.99 -5.28
N PRO A 194 -9.79 -12.92 -5.36
CA PRO A 194 -10.07 -13.96 -4.34
C PRO A 194 -9.20 -15.23 -4.35
N SER A 195 -8.15 -15.31 -5.16
CA SER A 195 -7.36 -16.56 -5.28
C SER A 195 -6.75 -17.00 -3.95
N GLN A 196 -6.30 -16.04 -3.14
CA GLN A 196 -5.81 -16.30 -1.79
C GLN A 196 -6.85 -15.85 -0.77
N SER A 197 -6.98 -16.62 0.30
CA SER A 197 -8.00 -16.37 1.33
C SER A 197 -7.70 -15.10 2.14
N ILE A 198 -8.74 -14.33 2.42
CA ILE A 198 -8.64 -13.17 3.32
C ILE A 198 -9.80 -13.18 4.35
N THR A 199 -9.44 -13.14 5.63
CA THR A 199 -10.34 -13.17 6.80
C THR A 199 -9.98 -11.85 7.51
N CYS A 200 -10.96 -10.98 7.76
CA CYS A 200 -11.43 -10.50 9.12
C CYS A 200 -11.57 -11.31 10.44
N ASN A 201 -10.71 -10.99 11.41
CA ASN A 201 -10.76 -11.52 12.78
C ASN A 201 -11.12 -10.43 13.79
N VAL A 202 -12.30 -10.55 14.41
CA VAL A 202 -12.76 -9.58 15.38
C VAL A 202 -12.87 -10.23 16.77
N ALA A 203 -12.37 -9.53 17.78
CA ALA A 203 -12.59 -9.90 19.17
C ALA A 203 -13.20 -8.71 19.93
N HIS A 204 -14.18 -9.00 20.76
CA HIS A 204 -14.75 -8.04 21.70
C HIS A 204 -14.75 -8.78 23.04
N PRO A 205 -13.66 -8.66 23.79
CA PRO A 205 -13.48 -9.42 25.05
C PRO A 205 -14.62 -9.23 26.06
N ALA A 206 -15.21 -8.05 26.09
CA ALA A 206 -16.25 -7.72 27.07
C ALA A 206 -17.47 -8.63 26.93
N SER A 207 -17.82 -9.01 25.72
CA SER A 207 -18.95 -9.91 25.48
C SER A 207 -18.51 -11.35 25.14
N SER A 208 -17.22 -11.63 25.32
CA SER A 208 -16.62 -12.94 25.02
C SER A 208 -16.78 -13.32 23.55
N THR A 209 -16.80 -12.33 22.68
CA THR A 209 -16.96 -12.54 21.24
C THR A 209 -15.61 -12.69 20.55
N LYS A 210 -15.52 -13.71 19.71
CA LYS A 210 -14.35 -13.96 18.89
C LYS A 210 -14.87 -14.57 17.60
N VAL A 211 -14.84 -13.80 16.53
CA VAL A 211 -15.43 -14.18 15.25
C VAL A 211 -14.43 -13.99 14.11
N ASP A 212 -14.42 -14.95 13.18
CA ASP A 212 -13.65 -14.84 11.94
C ASP A 212 -14.63 -14.89 10.76
N LYS A 213 -14.62 -13.85 9.93
CA LYS A 213 -15.46 -13.80 8.73
C LYS A 213 -14.56 -13.76 7.50
N LYS A 214 -14.54 -14.85 6.75
CA LYS A 214 -13.84 -14.91 5.47
C LYS A 214 -14.58 -14.04 4.45
N ILE A 215 -13.84 -13.27 3.67
CA ILE A 215 -14.45 -12.41 2.65
C ILE A 215 -14.65 -13.27 1.41
N GLU A 216 -15.91 -13.47 1.02
CA GLU A 216 -16.24 -14.27 -0.16
C GLU A 216 -16.78 -13.39 -1.29
N PRO A 217 -16.47 -13.72 -2.54
CA PRO A 217 -17.04 -12.98 -3.68
C PRO A 217 -18.57 -13.08 -3.72
N ARG A 218 -19.23 -11.97 -4.04
CA ARG A 218 -20.66 -11.96 -4.33
C ARG A 218 -20.88 -12.59 -5.70
N ASN B 1 0.34 25.57 41.87
CA ASN B 1 0.11 25.04 40.50
C ASN B 1 0.96 25.82 39.49
N ILE B 2 2.05 25.20 39.02
CA ILE B 2 2.85 25.79 37.97
C ILE B 2 2.15 25.49 36.65
N VAL B 3 1.78 26.54 35.93
CA VAL B 3 1.14 26.40 34.62
C VAL B 3 2.21 26.34 33.54
N MET B 4 2.19 25.27 32.76
CA MET B 4 3.02 25.14 31.56
C MET B 4 2.18 25.47 30.33
N THR B 5 2.48 26.59 29.70
CA THR B 5 1.77 27.00 28.49
C THR B 5 2.57 26.58 27.25
N GLN B 6 1.97 25.69 26.46
CA GLN B 6 2.65 25.08 25.33
C GLN B 6 2.09 25.65 24.02
N SER B 7 3.00 25.99 23.09
CA SER B 7 2.61 26.51 21.78
C SER B 7 3.41 25.82 20.66
N PRO B 8 2.87 25.74 19.45
CA PRO B 8 1.45 26.05 19.16
C PRO B 8 0.55 24.90 19.58
N LYS B 9 -0.76 25.15 19.53
CA LYS B 9 -1.74 24.11 19.79
C LYS B 9 -1.62 22.98 18.76
N SER B 10 -1.51 23.37 17.50
CA SER B 10 -1.23 22.43 16.42
C SER B 10 -0.45 23.14 15.33
N MET B 11 0.18 22.33 14.49
CA MET B 11 0.92 22.83 13.34
C MET B 11 1.00 21.77 12.25
N SER B 12 1.29 22.21 11.04
CA SER B 12 1.34 21.36 9.87
C SER B 12 2.63 21.69 9.11
N MET B 13 3.58 20.76 9.11
CA MET B 13 4.92 21.01 8.56
C MET B 13 5.32 19.96 7.53
N SER B 14 5.99 20.39 6.46
CA SER B 14 6.43 19.47 5.40
C SER B 14 7.65 18.70 5.84
N VAL B 15 7.81 17.49 5.30
CA VAL B 15 9.02 16.71 5.52
C VAL B 15 10.25 17.53 5.15
N GLY B 16 11.24 17.52 6.03
CA GLY B 16 12.46 18.27 5.83
C GLY B 16 12.49 19.64 6.51
N GLU B 17 11.34 20.13 6.97
CA GLU B 17 11.28 21.47 7.57
C GLU B 17 11.65 21.47 9.05
N ARG B 18 12.11 22.61 9.53
CA ARG B 18 12.46 22.79 10.93
C ARG B 18 11.18 23.08 11.73
N VAL B 19 11.00 22.37 12.83
CA VAL B 19 9.81 22.50 13.67
C VAL B 19 10.18 23.03 15.05
N THR B 20 9.52 24.09 15.51
CA THR B 20 9.75 24.67 16.84
C THR B 20 8.50 24.63 17.73
N LEU B 21 8.66 24.07 18.93
CA LEU B 21 7.63 24.02 19.96
C LEU B 21 8.15 24.75 21.17
N THR B 22 7.30 25.50 21.85
CA THR B 22 7.70 26.13 23.09
C THR B 22 6.80 25.76 24.26
N CYS B 23 7.34 26.00 25.43
CA CYS B 23 6.67 25.70 26.67
C CYS B 23 7.12 26.76 27.67
N LYS B 24 6.16 27.46 28.27
CA LYS B 24 6.46 28.57 29.16
C LYS B 24 5.94 28.23 30.54
N ALA B 25 6.82 28.20 31.53
CA ALA B 25 6.43 27.93 32.91
C ALA B 25 6.02 29.23 33.60
N SER B 26 4.97 29.16 34.41
CA SER B 26 4.44 30.33 35.10
C SER B 26 5.36 30.78 36.24
N GLU B 27 6.31 29.91 36.60
CA GLU B 27 7.37 30.26 37.54
C GLU B 27 8.62 29.42 37.26
N ASN B 28 9.72 29.81 37.90
CA ASN B 28 11.01 29.16 37.70
C ASN B 28 10.94 27.67 38.03
N VAL B 29 11.25 26.84 37.04
CA VAL B 29 11.35 25.39 37.23
C VAL B 29 12.76 24.89 36.91
N VAL B 30 13.72 25.82 36.89
CA VAL B 30 15.13 25.52 36.64
C VAL B 30 15.28 24.73 35.32
N THR B 31 15.73 23.48 35.37
CA THR B 31 15.89 22.66 34.16
C THR B 31 15.00 21.41 34.19
N TYR B 32 14.06 21.34 35.12
CA TYR B 32 13.26 20.12 35.32
C TYR B 32 12.08 20.03 34.35
N VAL B 33 12.33 20.28 33.07
CA VAL B 33 11.33 20.19 32.03
C VAL B 33 11.67 19.05 31.07
N SER B 34 10.67 18.25 30.74
CA SER B 34 10.81 17.15 29.79
C SER B 34 9.79 17.27 28.67
N TRP B 35 10.09 16.61 27.54
CA TRP B 35 9.20 16.53 26.40
C TRP B 35 8.90 15.07 26.12
N TYR B 36 7.64 14.79 25.78
CA TYR B 36 7.17 13.45 25.49
C TYR B 36 6.51 13.44 24.12
N GLN B 37 6.75 12.36 23.38
CA GLN B 37 6.12 12.15 22.08
C GLN B 37 5.07 11.06 22.24
N GLN B 38 3.89 11.30 21.70
CA GLN B 38 2.80 10.35 21.83
C GLN B 38 2.21 10.11 20.45
N LYS B 39 2.55 8.97 19.85
CA LYS B 39 2.01 8.61 18.55
C LYS B 39 0.58 8.10 18.77
N PRO B 40 -0.25 8.12 17.73
CA PRO B 40 -1.63 7.62 17.86
C PRO B 40 -1.70 6.22 18.48
N GLU B 41 -2.63 6.03 19.41
CA GLU B 41 -2.88 4.75 20.08
C GLU B 41 -1.74 4.28 21.01
N GLN B 42 -0.77 5.16 21.28
CA GLN B 42 0.36 4.80 22.15
C GLN B 42 0.42 5.65 23.40
N SER B 43 1.22 5.20 24.35
CA SER B 43 1.52 5.99 25.52
C SER B 43 2.52 7.07 25.12
N PRO B 44 2.60 8.14 25.90
CA PRO B 44 3.72 9.07 25.77
C PRO B 44 5.05 8.35 25.97
N LYS B 45 6.07 8.78 25.23
CA LYS B 45 7.43 8.29 25.38
C LYS B 45 8.36 9.48 25.60
N LEU B 46 9.31 9.33 26.50
CA LEU B 46 10.25 10.37 26.82
C LEU B 46 11.19 10.69 25.64
N LEU B 47 11.29 11.97 25.30
CA LEU B 47 12.18 12.45 24.24
C LEU B 47 13.37 13.20 24.82
N ILE B 48 13.07 14.21 25.62
CA ILE B 48 14.04 15.11 26.21
C ILE B 48 13.77 15.18 27.71
N TYR B 49 14.81 15.15 28.54
CA TYR B 49 14.66 15.41 29.97
C TYR B 49 15.70 16.42 30.42
N GLY B 50 15.44 17.07 31.56
CA GLY B 50 16.39 18.04 32.10
C GLY B 50 16.61 19.19 31.13
N ALA B 51 15.56 19.52 30.38
CA ALA B 51 15.51 20.63 29.40
C ALA B 51 16.24 20.36 28.10
N SER B 52 17.40 19.71 28.16
CA SER B 52 18.27 19.61 26.98
C SER B 52 18.89 18.23 26.74
N ASN B 53 18.56 17.24 27.56
CA ASN B 53 19.19 15.92 27.43
C ASN B 53 18.31 14.97 26.62
N ARG B 54 18.77 14.58 25.42
CA ARG B 54 18.09 13.55 24.66
C ARG B 54 18.13 12.23 25.42
N TYR B 55 17.00 11.55 25.46
CA TYR B 55 16.91 10.26 26.14
C TYR B 55 17.50 9.22 25.21
N THR B 56 17.87 8.07 25.77
CA THR B 56 18.44 7.01 24.95
C THR B 56 17.45 6.58 23.86
N GLY B 57 17.98 6.39 22.66
CA GLY B 57 17.18 5.95 21.52
C GLY B 57 16.53 7.06 20.73
N VAL B 58 16.62 8.29 21.22
CA VAL B 58 15.99 9.45 20.58
C VAL B 58 16.92 10.00 19.49
N PRO B 59 16.46 10.06 18.25
CA PRO B 59 17.30 10.56 17.15
C PRO B 59 17.81 11.99 17.33
N ASP B 60 18.91 12.26 16.64
CA ASP B 60 19.64 13.53 16.73
C ASP B 60 18.83 14.76 16.33
N ARG B 61 17.78 14.58 15.51
CA ARG B 61 17.00 15.71 15.03
C ARG B 61 16.18 16.41 16.13
N PHE B 62 15.91 15.71 17.23
CA PHE B 62 15.23 16.33 18.37
C PHE B 62 16.25 16.95 19.31
N THR B 63 16.15 18.25 19.55
CA THR B 63 16.92 18.91 20.58
C THR B 63 16.02 19.75 21.47
N GLY B 64 16.33 19.75 22.76
CA GLY B 64 15.70 20.63 23.71
C GLY B 64 16.68 21.68 24.17
N SER B 65 16.17 22.88 24.44
CA SER B 65 16.95 23.95 25.06
C SER B 65 16.06 24.75 25.98
N GLY B 66 16.67 25.56 26.83
CA GLY B 66 15.94 26.43 27.71
C GLY B 66 16.32 26.26 29.17
N SER B 67 15.85 27.21 29.96
CA SER B 67 16.09 27.25 31.39
C SER B 67 15.14 28.23 32.07
N ALA B 68 14.94 28.03 33.37
CA ALA B 68 14.06 28.85 34.20
C ALA B 68 12.58 28.80 33.83
N THR B 69 12.14 29.65 32.89
CA THR B 69 10.74 29.66 32.45
C THR B 69 10.53 29.43 30.94
N ASP B 70 11.59 29.48 30.13
CA ASP B 70 11.47 29.32 28.69
C ASP B 70 12.10 28.01 28.22
N PHE B 71 11.31 27.21 27.51
CA PHE B 71 11.77 25.92 27.03
C PHE B 71 11.32 25.70 25.61
N THR B 72 12.18 25.06 24.83
CA THR B 72 11.97 24.86 23.41
C THR B 72 12.33 23.43 23.02
N LEU B 73 11.50 22.82 22.19
CA LEU B 73 11.84 21.59 21.50
C LEU B 73 11.92 21.90 20.01
N THR B 74 12.96 21.40 19.37
CA THR B 74 13.19 21.64 17.96
C THR B 74 13.37 20.29 17.27
N ILE B 75 12.71 20.10 16.13
CA ILE B 75 13.01 19.00 15.23
C ILE B 75 13.69 19.65 14.03
N SER B 76 14.96 19.36 13.82
CA SER B 76 15.75 20.08 12.82
C SER B 76 15.30 19.79 11.39
N SER B 77 14.84 18.57 11.15
CA SER B 77 14.38 18.16 9.83
C SER B 77 13.29 17.10 9.98
N VAL B 78 12.05 17.54 10.07
CA VAL B 78 10.95 16.66 10.46
C VAL B 78 10.76 15.54 9.45
N GLN B 79 10.44 14.36 9.96
CA GLN B 79 10.24 13.20 9.10
C GLN B 79 8.80 12.76 9.22
N ALA B 80 8.33 11.99 8.23
CA ALA B 80 6.92 11.60 8.15
C ALA B 80 6.41 10.90 9.41
N GLU B 81 7.29 10.11 10.00
CA GLU B 81 6.99 9.32 11.19
C GLU B 81 6.91 10.14 12.49
N ASP B 82 7.31 11.41 12.41
CA ASP B 82 7.32 12.30 13.58
C ASP B 82 5.95 12.84 13.95
N LEU B 83 4.92 12.57 13.14
CA LEU B 83 3.56 12.99 13.52
C LEU B 83 3.26 12.39 14.85
N ALA B 84 2.71 13.22 15.72
CA ALA B 84 2.46 12.86 17.10
C ALA B 84 1.86 14.07 17.82
N ASP B 85 1.32 13.83 18.99
CA ASP B 85 1.07 14.88 19.96
C ASP B 85 2.34 14.98 20.81
N TYR B 86 2.84 16.20 21.01
CA TYR B 86 4.03 16.43 21.82
C TYR B 86 3.63 17.16 23.11
N HIS B 87 4.17 16.72 24.23
CA HIS B 87 3.78 17.25 25.53
C HIS B 87 5.00 17.68 26.31
N CYS B 88 4.96 18.87 26.90
CA CYS B 88 6.00 19.23 27.85
C CYS B 88 5.47 19.02 29.25
N GLY B 89 6.36 18.81 30.20
CA GLY B 89 5.99 18.72 31.59
C GLY B 89 7.09 19.23 32.49
N GLN B 90 6.70 19.71 33.67
CA GLN B 90 7.67 20.03 34.72
C GLN B 90 7.54 19.04 35.86
N GLY B 91 8.68 18.59 36.37
CA GLY B 91 8.77 17.84 37.61
C GLY B 91 9.72 18.50 38.60
N TYR B 92 9.72 19.84 38.60
CA TYR B 92 10.44 20.63 39.60
C TYR B 92 9.78 20.49 40.98
N SER B 93 8.52 20.90 41.08
CA SER B 93 7.80 20.86 42.35
C SER B 93 6.39 20.35 42.18
N TYR B 94 5.86 19.73 43.24
CA TYR B 94 4.51 19.20 43.25
C TYR B 94 3.53 20.36 43.37
N PRO B 95 2.35 20.27 42.76
CA PRO B 95 1.94 19.18 41.88
C PRO B 95 2.62 19.23 40.52
N TYR B 96 3.00 18.06 40.00
CA TYR B 96 3.59 17.97 38.67
C TYR B 96 2.53 18.31 37.61
N THR B 97 2.94 18.99 36.54
CA THR B 97 2.02 19.51 35.54
C THR B 97 2.54 19.32 34.13
N PHE B 98 1.62 19.39 33.19
CA PHE B 98 1.93 19.23 31.77
C PHE B 98 1.38 20.41 31.01
N GLY B 99 2.02 20.75 29.89
CA GLY B 99 1.45 21.69 28.95
C GLY B 99 0.25 21.09 28.25
N GLY B 100 -0.41 21.88 27.41
CA GLY B 100 -1.64 21.48 26.76
C GLY B 100 -1.44 20.61 25.53
N GLY B 101 -0.19 20.36 25.15
CA GLY B 101 0.11 19.55 23.98
C GLY B 101 0.16 20.30 22.65
N THR B 102 0.94 19.75 21.73
CA THR B 102 1.03 20.22 20.35
C THR B 102 0.78 19.05 19.43
N LYS B 103 -0.24 19.15 18.58
CA LYS B 103 -0.54 18.15 17.57
C LYS B 103 0.26 18.47 16.32
N LEU B 104 1.29 17.69 16.04
CA LEU B 104 2.11 17.90 14.86
C LEU B 104 1.56 17.08 13.71
N GLU B 105 1.08 17.75 12.68
CA GLU B 105 0.62 17.11 11.44
C GLU B 105 1.70 17.27 10.36
N LEU B 106 1.80 16.29 9.47
CA LEU B 106 2.70 16.39 8.34
C LEU B 106 1.93 16.96 7.16
N LYS B 107 2.51 18.01 6.58
CA LYS B 107 2.00 18.59 5.36
C LYS B 107 2.62 17.86 4.17
N ARG B 108 1.79 17.53 3.19
CA ARG B 108 2.26 16.86 1.99
C ARG B 108 1.47 17.37 0.79
N ALA B 109 1.85 16.91 -0.40
CA ALA B 109 1.16 17.29 -1.62
C ALA B 109 -0.25 16.74 -1.58
N ASP B 110 -1.18 17.48 -2.16
CA ASP B 110 -2.56 17.02 -2.27
C ASP B 110 -2.66 15.63 -2.91
N ALA B 111 -3.55 14.80 -2.40
CA ALA B 111 -3.84 13.48 -2.96
C ALA B 111 -5.34 13.25 -2.99
N ALA B 112 -5.85 12.78 -4.12
CA ALA B 112 -7.28 12.59 -4.27
C ALA B 112 -7.70 11.30 -3.55
N PRO B 113 -8.89 11.27 -2.97
CA PRO B 113 -9.39 10.02 -2.39
C PRO B 113 -9.66 8.97 -3.46
N THR B 114 -9.37 7.72 -3.14
CA THR B 114 -9.80 6.58 -3.93
C THR B 114 -11.00 5.99 -3.22
N VAL B 115 -12.15 5.95 -3.91
CA VAL B 115 -13.43 5.56 -3.29
C VAL B 115 -13.83 4.15 -3.66
N SER B 116 -14.24 3.38 -2.65
CA SER B 116 -14.82 2.05 -2.82
C SER B 116 -16.17 1.98 -2.13
N ILE B 117 -17.15 1.38 -2.80
CA ILE B 117 -18.47 1.23 -2.21
C ILE B 117 -18.83 -0.24 -1.99
N PHE B 118 -19.57 -0.50 -0.91
CA PHE B 118 -19.90 -1.87 -0.50
C PHE B 118 -21.38 -2.00 -0.15
N PRO B 119 -22.10 -2.85 -0.89
CA PRO B 119 -23.49 -3.16 -0.54
C PRO B 119 -23.58 -3.91 0.79
N PRO B 120 -24.78 -3.99 1.38
CA PRO B 120 -24.96 -4.73 2.63
C PRO B 120 -24.58 -6.19 2.43
N SER B 121 -23.96 -6.80 3.43
CA SER B 121 -23.67 -8.23 3.38
C SER B 121 -24.98 -9.00 3.43
N SER B 122 -24.97 -10.18 2.84
CA SER B 122 -26.11 -11.09 2.92
C SER B 122 -26.38 -11.46 4.38
N GLU B 123 -25.31 -11.55 5.18
CA GLU B 123 -25.45 -11.81 6.61
C GLU B 123 -26.28 -10.74 7.32
N GLN B 124 -25.96 -9.47 7.10
CA GLN B 124 -26.69 -8.36 7.74
C GLN B 124 -28.15 -8.30 7.27
N LEU B 125 -28.37 -8.55 5.99
CA LEU B 125 -29.72 -8.54 5.41
C LEU B 125 -30.59 -9.60 6.06
N THR B 126 -30.03 -10.79 6.25
CA THR B 126 -30.71 -11.88 6.96
C THR B 126 -31.18 -11.41 8.34
N SER B 127 -30.39 -10.54 8.98
CA SER B 127 -30.71 -10.02 10.31
C SER B 127 -31.71 -8.85 10.35
N GLY B 128 -32.07 -8.28 9.21
CA GLY B 128 -33.06 -7.22 9.14
C GLY B 128 -32.51 -5.82 8.96
N GLY B 129 -31.19 -5.69 8.88
CA GLY B 129 -30.53 -4.41 8.68
C GLY B 129 -29.86 -4.31 7.32
N ALA B 130 -29.48 -3.11 6.95
CA ALA B 130 -28.79 -2.89 5.67
C ALA B 130 -27.91 -1.66 5.77
N SER B 131 -26.61 -1.88 5.85
CA SER B 131 -25.64 -0.79 5.86
C SER B 131 -24.89 -0.78 4.54
N VAL B 132 -24.77 0.41 3.94
CA VAL B 132 -23.95 0.62 2.76
C VAL B 132 -22.72 1.40 3.21
N VAL B 133 -21.55 0.90 2.85
CA VAL B 133 -20.29 1.46 3.33
C VAL B 133 -19.50 1.98 2.17
N CYS B 134 -18.88 3.14 2.37
CA CYS B 134 -17.99 3.74 1.40
C CYS B 134 -16.66 4.06 2.10
N PHE B 135 -15.56 3.54 1.56
CA PHE B 135 -14.23 3.93 2.01
C PHE B 135 -13.68 4.98 1.06
N LEU B 136 -13.16 6.06 1.63
CA LEU B 136 -12.48 7.10 0.87
C LEU B 136 -11.05 7.07 1.37
N ASN B 137 -10.14 6.52 0.58
CA ASN B 137 -8.83 6.18 1.08
C ASN B 137 -7.68 7.04 0.54
N ASN B 138 -6.76 7.34 1.43
CA ASN B 138 -5.44 7.90 1.10
C ASN B 138 -5.48 9.26 0.41
N PHE B 139 -6.13 10.22 1.06
CA PHE B 139 -6.23 11.57 0.52
C PHE B 139 -5.56 12.60 1.44
N TYR B 140 -5.32 13.78 0.85
CA TYR B 140 -4.79 14.92 1.57
C TYR B 140 -5.19 16.20 0.81
N PRO B 141 -5.65 17.26 1.46
CA PRO B 141 -5.75 17.40 2.93
C PRO B 141 -6.92 16.66 3.58
N LYS B 142 -7.01 16.75 4.90
CA LYS B 142 -8.00 16.00 5.66
C LYS B 142 -9.43 16.40 5.34
N ASP B 143 -9.64 17.64 4.90
CA ASP B 143 -10.98 18.18 4.67
C ASP B 143 -11.66 17.42 3.53
N ILE B 144 -12.81 16.84 3.83
CA ILE B 144 -13.57 16.09 2.85
C ILE B 144 -15.04 16.02 3.28
N ASN B 145 -15.92 15.89 2.28
CA ASN B 145 -17.35 15.81 2.52
C ASN B 145 -17.96 14.69 1.68
N VAL B 146 -18.90 13.96 2.25
CA VAL B 146 -19.55 12.86 1.55
C VAL B 146 -21.05 13.11 1.47
N LYS B 147 -21.61 12.76 0.32
CA LYS B 147 -23.04 12.89 0.06
C LYS B 147 -23.53 11.52 -0.42
N TRP B 148 -24.61 11.01 0.18
CA TRP B 148 -25.22 9.77 -0.25
C TRP B 148 -26.41 10.08 -1.13
N LYS B 149 -26.57 9.28 -2.18
CA LYS B 149 -27.74 9.39 -3.06
C LYS B 149 -28.36 8.01 -3.28
N ILE B 150 -29.70 7.96 -3.22
CA ILE B 150 -30.48 6.76 -3.50
C ILE B 150 -31.46 7.09 -4.64
N ASP B 151 -31.31 6.38 -5.76
CA ASP B 151 -32.08 6.65 -6.97
C ASP B 151 -32.11 8.14 -7.33
N GLY B 152 -30.95 8.77 -7.19
CA GLY B 152 -30.75 10.14 -7.59
C GLY B 152 -31.09 11.22 -6.58
N SER B 153 -31.68 10.83 -5.45
CA SER B 153 -32.04 11.79 -4.41
C SER B 153 -31.12 11.69 -3.21
N GLU B 154 -30.69 12.84 -2.71
CA GLU B 154 -29.86 12.91 -1.52
C GLU B 154 -30.52 12.26 -0.31
N ARG B 155 -29.70 11.56 0.47
CA ARG B 155 -30.11 10.91 1.71
C ARG B 155 -29.17 11.38 2.82
N GLN B 156 -29.73 12.06 3.81
CA GLN B 156 -28.93 12.69 4.88
C GLN B 156 -28.93 11.90 6.20
N ASN B 157 -30.03 11.23 6.51
CA ASN B 157 -30.17 10.51 7.78
C ASN B 157 -29.54 9.12 7.75
N GLY B 158 -29.03 8.68 8.90
CA GLY B 158 -28.47 7.34 9.06
C GLY B 158 -27.01 7.22 8.64
N VAL B 159 -26.32 8.34 8.52
CA VAL B 159 -24.94 8.35 8.05
C VAL B 159 -24.00 8.52 9.24
N LEU B 160 -23.00 7.64 9.31
CA LEU B 160 -21.96 7.66 10.34
C LEU B 160 -20.59 7.69 9.65
N ASN B 161 -19.81 8.73 9.94
CA ASN B 161 -18.49 8.92 9.34
C ASN B 161 -17.40 8.74 10.37
N SER B 162 -16.23 8.26 9.93
CA SER B 162 -15.06 8.14 10.79
C SER B 162 -13.76 8.32 10.01
N TRP B 163 -12.86 9.13 10.55
CA TRP B 163 -11.55 9.40 9.93
C TRP B 163 -10.45 8.66 10.67
N THR B 164 -9.49 8.13 9.94
CA THR B 164 -8.28 7.64 10.58
C THR B 164 -7.41 8.80 11.03
N ASP B 165 -6.50 8.47 11.94
CA ASP B 165 -5.31 9.25 12.18
C ASP B 165 -4.49 9.32 10.90
N GLN B 166 -3.75 10.42 10.74
CA GLN B 166 -2.85 10.57 9.63
C GLN B 166 -1.85 9.41 9.55
N ASP B 167 -1.59 8.92 8.34
CA ASP B 167 -0.71 7.78 8.14
C ASP B 167 0.74 8.19 8.38
N SER B 168 1.48 7.36 9.12
CA SER B 168 2.83 7.69 9.54
C SER B 168 3.89 7.50 8.46
N LYS B 169 3.53 6.81 7.38
CA LYS B 169 4.43 6.58 6.24
C LYS B 169 4.15 7.52 5.07
N ASP B 170 2.89 7.59 4.62
CA ASP B 170 2.54 8.40 3.45
C ASP B 170 1.79 9.70 3.74
N SER B 171 1.51 9.95 5.02
CA SER B 171 0.95 11.22 5.49
C SER B 171 -0.45 11.55 4.95
N THR B 172 -1.20 10.53 4.53
CA THR B 172 -2.57 10.74 4.08
C THR B 172 -3.57 10.41 5.17
N TYR B 173 -4.82 10.69 4.87
CA TYR B 173 -5.95 10.32 5.68
C TYR B 173 -6.86 9.39 4.90
N SER B 174 -7.68 8.66 5.62
CA SER B 174 -8.75 7.88 5.02
C SER B 174 -10.02 8.09 5.83
N MET B 175 -11.16 7.86 5.20
CA MET B 175 -12.44 8.08 5.85
C MET B 175 -13.43 7.00 5.47
N SER B 176 -14.23 6.55 6.45
CA SER B 176 -15.29 5.58 6.23
C SER B 176 -16.64 6.26 6.42
N SER B 177 -17.56 6.06 5.49
CA SER B 177 -18.93 6.56 5.63
C SER B 177 -19.91 5.39 5.50
N THR B 178 -20.79 5.24 6.47
CA THR B 178 -21.77 4.15 6.49
C THR B 178 -23.19 4.67 6.54
N LEU B 179 -23.97 4.34 5.51
CA LEU B 179 -25.38 4.67 5.47
C LEU B 179 -26.15 3.45 5.95
N THR B 180 -26.87 3.59 7.04
CA THR B 180 -27.64 2.48 7.59
C THR B 180 -29.13 2.70 7.32
N LEU B 181 -29.72 1.71 6.66
CA LEU B 181 -31.12 1.68 6.29
C LEU B 181 -31.76 0.48 6.97
N THR B 182 -33.09 0.35 6.85
CA THR B 182 -33.72 -0.94 7.13
C THR B 182 -33.59 -1.80 5.89
N LYS B 183 -33.74 -3.12 6.08
CA LYS B 183 -33.73 -4.06 4.98
C LYS B 183 -34.82 -3.71 3.96
N ASP B 184 -36.03 -3.41 4.43
CA ASP B 184 -37.15 -3.06 3.55
C ASP B 184 -36.85 -1.85 2.68
N GLU B 185 -36.25 -0.82 3.29
CA GLU B 185 -35.79 0.35 2.54
C GLU B 185 -34.80 -0.02 1.47
N TYR B 186 -33.82 -0.85 1.83
CA TYR B 186 -32.74 -1.20 0.91
C TYR B 186 -33.25 -1.99 -0.29
N GLU B 187 -34.17 -2.92 -0.05
CA GLU B 187 -34.70 -3.76 -1.12
C GLU B 187 -35.69 -3.01 -2.01
N ARG B 188 -36.14 -1.85 -1.55
CA ARG B 188 -37.04 -1.00 -2.32
C ARG B 188 -36.30 -0.26 -3.45
N HIS B 189 -35.17 0.35 -3.12
CA HIS B 189 -34.46 1.23 -4.06
C HIS B 189 -33.40 0.45 -4.84
N ASN B 190 -32.94 0.99 -5.98
CA ASN B 190 -31.98 0.28 -6.83
C ASN B 190 -30.55 0.82 -6.81
N SER B 191 -30.38 2.11 -7.02
CA SER B 191 -29.05 2.69 -7.18
C SER B 191 -28.61 3.42 -5.92
N TYR B 192 -27.41 3.08 -5.46
CA TYR B 192 -26.81 3.65 -4.26
C TYR B 192 -25.49 4.28 -4.65
N THR B 193 -25.26 5.51 -4.19
CA THR B 193 -24.13 6.31 -4.63
C THR B 193 -23.54 7.09 -3.45
N CYS B 194 -22.23 7.02 -3.29
CA CYS B 194 -21.55 7.96 -2.41
C CYS B 194 -20.70 8.91 -3.26
N GLU B 195 -20.74 10.19 -2.89
CA GLU B 195 -20.09 11.25 -3.62
C GLU B 195 -19.15 11.99 -2.68
N ALA B 196 -17.86 12.00 -3.00
CA ALA B 196 -16.86 12.70 -2.20
C ALA B 196 -16.51 14.02 -2.85
N THR B 197 -16.59 15.10 -2.06
CA THR B 197 -16.14 16.42 -2.50
C THR B 197 -14.83 16.68 -1.77
N HIS B 198 -13.79 16.93 -2.54
CA HIS B 198 -12.45 17.18 -2.03
C HIS B 198 -11.77 18.23 -2.91
N LYS B 199 -10.79 18.91 -2.34
CA LYS B 199 -10.04 20.00 -2.98
C LYS B 199 -9.42 19.58 -4.32
N THR B 200 -9.05 18.30 -4.43
CA THR B 200 -8.36 17.81 -5.63
C THR B 200 -9.21 17.76 -6.90
N SER B 201 -10.52 17.92 -6.78
CA SER B 201 -11.40 17.94 -7.95
C SER B 201 -12.55 18.93 -7.81
N THR B 202 -12.84 19.63 -8.90
CA THR B 202 -13.98 20.54 -8.94
C THR B 202 -15.31 19.80 -9.07
N SER B 203 -15.26 18.50 -9.38
CA SER B 203 -16.46 17.66 -9.41
C SER B 203 -16.40 16.57 -8.34
N PRO B 204 -17.55 16.05 -7.92
CA PRO B 204 -17.59 14.97 -6.95
C PRO B 204 -16.90 13.72 -7.50
N ILE B 205 -16.18 13.04 -6.62
CA ILE B 205 -15.58 11.75 -6.93
C ILE B 205 -16.58 10.73 -6.43
N VAL B 206 -17.19 9.98 -7.36
CA VAL B 206 -18.36 9.16 -7.05
C VAL B 206 -18.12 7.67 -7.26
N LYS B 207 -18.95 6.88 -6.57
CA LYS B 207 -18.96 5.44 -6.68
C LYS B 207 -20.37 4.96 -6.42
N SER B 208 -20.86 4.05 -7.24
CA SER B 208 -22.21 3.52 -7.08
C SER B 208 -22.33 2.08 -7.52
N PHE B 209 -23.48 1.49 -7.17
CA PHE B 209 -23.85 0.17 -7.64
C PHE B 209 -25.36 0.09 -7.75
N ASN B 210 -25.83 -0.83 -8.58
CA ASN B 210 -27.24 -1.19 -8.64
C ASN B 210 -27.46 -2.50 -7.90
N ARG B 211 -28.42 -2.50 -6.99
CA ARG B 211 -28.75 -3.69 -6.23
C ARG B 211 -29.21 -4.82 -7.15
N ASN B 212 -29.83 -4.47 -8.29
CA ASN B 212 -30.42 -5.46 -9.21
C ASN B 212 -29.49 -5.87 -10.36
N VAL C 1 -0.44 -3.68 -42.40
CA VAL C 1 -1.45 -3.22 -41.39
C VAL C 1 -0.80 -2.86 -40.05
N GLN C 2 -0.88 -1.59 -39.67
CA GLN C 2 -0.37 -1.14 -38.37
C GLN C 2 -1.41 -0.30 -37.62
N LEU C 3 -1.47 -0.50 -36.31
CA LEU C 3 -2.26 0.34 -35.40
C LEU C 3 -1.28 1.03 -34.45
N GLN C 4 -1.10 2.33 -34.64
CA GLN C 4 -0.09 3.11 -33.94
C GLN C 4 -0.74 3.92 -32.81
N GLN C 5 -0.44 3.55 -31.57
CA GLN C 5 -1.10 4.14 -30.42
C GLN C 5 -0.29 5.29 -29.85
N SER C 6 -0.99 6.23 -29.22
CA SER C 6 -0.37 7.40 -28.61
C SER C 6 0.43 7.01 -27.37
N GLY C 7 1.23 7.95 -26.88
CA GLY C 7 2.24 7.67 -25.87
C GLY C 7 1.64 7.58 -24.48
N PRO C 8 2.46 7.18 -23.51
CA PRO C 8 1.96 7.00 -22.14
C PRO C 8 1.47 8.31 -21.54
N GLU C 9 0.53 8.20 -20.61
CA GLU C 9 -0.18 9.34 -20.05
C GLU C 9 -0.13 9.29 -18.53
N LEU C 10 0.15 10.45 -17.92
CA LEU C 10 -0.09 10.67 -16.51
C LEU C 10 -1.19 11.73 -16.39
N VAL C 11 -2.27 11.38 -15.70
CA VAL C 11 -3.42 12.26 -15.56
C VAL C 11 -4.01 12.20 -14.15
N LYS C 12 -4.60 13.30 -13.72
CA LYS C 12 -5.06 13.44 -12.37
C LYS C 12 -6.47 12.87 -12.20
N PRO C 13 -6.75 12.33 -11.02
CA PRO C 13 -8.09 11.83 -10.70
C PRO C 13 -9.20 12.83 -11.04
N GLY C 14 -10.28 12.32 -11.62
CA GLY C 14 -11.42 13.13 -11.99
C GLY C 14 -11.36 13.75 -13.38
N THR C 15 -10.18 13.80 -13.99
CA THR C 15 -10.05 14.36 -15.32
C THR C 15 -10.37 13.28 -16.34
N SER C 16 -10.29 13.65 -17.61
CA SER C 16 -10.47 12.74 -18.72
C SER C 16 -9.20 12.69 -19.53
N VAL C 17 -8.99 11.60 -20.25
CA VAL C 17 -7.90 11.49 -21.20
C VAL C 17 -8.41 10.82 -22.49
N LYS C 18 -7.88 11.28 -23.61
CA LYS C 18 -8.30 10.82 -24.92
C LYS C 18 -7.10 10.24 -25.61
N ILE C 19 -7.10 8.94 -25.82
CA ILE C 19 -5.97 8.26 -26.43
C ILE C 19 -6.34 7.86 -27.86
N SER C 20 -5.35 7.77 -28.72
CA SER C 20 -5.58 7.59 -30.15
C SER C 20 -4.94 6.32 -30.69
N CYS C 21 -5.45 5.91 -31.86
CA CYS C 21 -5.01 4.71 -32.56
C CYS C 21 -5.02 5.04 -34.05
N LYS C 22 -3.86 5.34 -34.59
CA LYS C 22 -3.71 5.71 -35.98
C LYS C 22 -3.52 4.45 -36.81
N THR C 23 -4.45 4.18 -37.72
CA THR C 23 -4.40 2.99 -38.56
C THR C 23 -3.77 3.29 -39.91
N SER C 24 -3.17 2.26 -40.50
CA SER C 24 -2.56 2.36 -41.83
C SER C 24 -2.49 0.98 -42.46
N GLY C 25 -2.34 0.93 -43.79
CA GLY C 25 -2.21 -0.33 -44.52
C GLY C 25 -3.51 -0.99 -44.94
N TYR C 26 -4.65 -0.34 -44.69
CA TYR C 26 -5.93 -0.85 -45.15
C TYR C 26 -6.97 0.26 -45.18
N THR C 27 -8.16 -0.05 -45.71
CA THR C 27 -9.23 0.92 -45.75
C THR C 27 -9.94 0.98 -44.39
N PHE C 28 -9.71 2.10 -43.69
CA PHE C 28 -10.18 2.34 -42.32
C PHE C 28 -11.66 2.02 -42.11
N THR C 29 -12.51 2.45 -43.05
CA THR C 29 -13.96 2.29 -42.91
C THR C 29 -14.47 0.84 -43.10
N GLU C 30 -13.59 -0.08 -43.49
CA GLU C 30 -13.99 -1.45 -43.77
C GLU C 30 -13.91 -2.39 -42.57
N TYR C 31 -13.31 -1.93 -41.47
CA TYR C 31 -13.10 -2.76 -40.27
C TYR C 31 -13.48 -2.01 -38.99
N THR C 32 -14.07 -2.71 -38.04
CA THR C 32 -14.33 -2.13 -36.73
C THR C 32 -13.07 -2.16 -35.88
N ILE C 33 -12.93 -1.14 -35.04
CA ILE C 33 -11.78 -0.96 -34.16
C ILE C 33 -12.26 -1.03 -32.72
N HIS C 34 -11.56 -1.82 -31.92
CA HIS C 34 -11.96 -2.12 -30.57
C HIS C 34 -10.87 -1.67 -29.61
N TRP C 35 -11.25 -1.55 -28.35
CA TRP C 35 -10.32 -1.23 -27.29
C TRP C 35 -10.46 -2.25 -26.18
N VAL C 36 -9.32 -2.55 -25.56
CA VAL C 36 -9.20 -3.61 -24.56
C VAL C 36 -8.35 -3.07 -23.41
N LYS C 37 -8.82 -3.24 -22.18
CA LYS C 37 -8.06 -2.81 -20.99
C LYS C 37 -7.26 -3.98 -20.45
N GLU C 38 -6.06 -3.68 -19.95
CA GLU C 38 -5.26 -4.65 -19.20
C GLU C 38 -4.50 -3.95 -18.09
N ALA C 39 -5.05 -4.00 -16.89
CA ALA C 39 -4.38 -3.45 -15.72
C ALA C 39 -3.24 -4.38 -15.36
N GLY C 40 -2.26 -3.87 -14.62
CA GLY C 40 -1.06 -4.63 -14.33
C GLY C 40 -1.37 -5.94 -13.64
N GLY C 41 -0.88 -7.04 -14.22
CA GLY C 41 -1.12 -8.38 -13.69
C GLY C 41 -2.52 -8.94 -13.93
N LYS C 42 -3.30 -8.31 -14.79
CA LYS C 42 -4.69 -8.72 -15.02
C LYS C 42 -4.89 -9.34 -16.39
N SER C 43 -6.04 -9.98 -16.55
CA SER C 43 -6.45 -10.51 -17.84
C SER C 43 -7.00 -9.35 -18.69
N LEU C 44 -7.44 -9.68 -19.88
CA LEU C 44 -7.97 -8.69 -20.82
C LEU C 44 -9.46 -8.43 -20.58
N ALA C 45 -9.84 -7.16 -20.73
CA ALA C 45 -11.22 -6.73 -20.59
C ALA C 45 -11.60 -5.92 -21.81
N TRP C 46 -12.61 -6.37 -22.54
CA TRP C 46 -13.11 -5.64 -23.71
C TRP C 46 -13.84 -4.38 -23.26
N ILE C 47 -13.54 -3.26 -23.90
CA ILE C 47 -14.20 -2.01 -23.57
C ILE C 47 -15.33 -1.70 -24.54
N GLY C 48 -15.04 -1.82 -25.81
CA GLY C 48 -16.02 -1.52 -26.82
C GLY C 48 -15.39 -1.42 -28.19
N GLY C 49 -16.24 -1.22 -29.18
CA GLY C 49 -15.80 -1.14 -30.56
C GLY C 49 -16.61 -0.12 -31.32
N ILE C 50 -16.00 0.40 -32.37
CA ILE C 50 -16.67 1.36 -33.23
C ILE C 50 -16.46 0.97 -34.68
N ASP C 51 -17.50 1.21 -35.47
CA ASP C 51 -17.51 0.98 -36.89
C ASP C 51 -17.27 2.36 -37.52
N PRO C 52 -16.08 2.58 -38.08
CA PRO C 52 -15.75 3.90 -38.61
C PRO C 52 -16.64 4.33 -39.79
N ASN C 53 -17.23 3.38 -40.51
CA ASN C 53 -18.11 3.70 -41.63
C ASN C 53 -19.41 4.37 -41.18
N SER C 54 -20.06 3.75 -40.20
CA SER C 54 -21.37 4.21 -39.70
C SER C 54 -21.30 5.08 -38.45
N GLY C 55 -20.20 5.00 -37.71
CA GLY C 55 -20.11 5.62 -36.39
C GLY C 55 -20.72 4.80 -35.27
N GLY C 56 -21.29 3.64 -35.61
CA GLY C 56 -21.96 2.78 -34.65
C GLY C 56 -21.02 2.16 -33.62
N THR C 57 -21.42 2.24 -32.35
CA THR C 57 -20.64 1.72 -31.25
C THR C 57 -21.36 0.62 -30.46
N ASN C 58 -20.55 -0.23 -29.86
CA ASN C 58 -21.00 -1.23 -28.89
C ASN C 58 -20.04 -1.17 -27.71
N TYR C 59 -20.58 -1.15 -26.49
CA TYR C 59 -19.78 -0.98 -25.29
C TYR C 59 -20.06 -2.12 -24.33
N SER C 60 -19.03 -2.52 -23.58
CA SER C 60 -19.22 -3.41 -22.45
C SER C 60 -20.03 -2.62 -21.42
N PRO C 61 -20.99 -3.26 -20.76
CA PRO C 61 -21.74 -2.59 -19.68
C PRO C 61 -20.81 -2.01 -18.60
N ASN C 62 -19.72 -2.70 -18.32
CA ASN C 62 -18.65 -2.21 -17.42
C ASN C 62 -18.11 -0.82 -17.75
N PHE C 63 -18.10 -0.45 -19.03
CA PHE C 63 -17.44 0.78 -19.49
C PHE C 63 -18.37 1.82 -20.10
N LYS C 64 -19.66 1.55 -20.16
CA LYS C 64 -20.59 2.56 -20.67
C LYS C 64 -20.58 3.72 -19.67
N GLY C 65 -20.54 4.95 -20.19
CA GLY C 65 -20.31 6.11 -19.35
C GLY C 65 -18.97 6.14 -18.61
N LYS C 66 -18.02 5.33 -19.08
CA LYS C 66 -16.62 5.49 -18.73
C LYS C 66 -15.84 5.86 -19.99
N ALA C 67 -16.08 5.11 -21.06
CA ALA C 67 -15.36 5.24 -22.30
C ALA C 67 -16.30 5.81 -23.35
N THR C 68 -15.75 6.64 -24.23
CA THR C 68 -16.47 7.10 -25.42
C THR C 68 -15.57 6.93 -26.63
N LEU C 69 -16.07 6.21 -27.62
CA LEU C 69 -15.30 5.89 -28.83
C LEU C 69 -15.74 6.79 -29.96
N THR C 70 -14.76 7.35 -30.66
CA THR C 70 -14.98 8.14 -31.86
C THR C 70 -13.92 7.80 -32.88
N VAL C 71 -14.14 8.29 -34.10
CA VAL C 71 -13.15 8.20 -35.16
C VAL C 71 -13.03 9.53 -35.90
N ASP C 72 -11.93 9.66 -36.62
CA ASP C 72 -11.76 10.70 -37.59
C ASP C 72 -11.39 9.99 -38.90
N LYS C 73 -12.35 9.95 -39.82
CA LYS C 73 -12.18 9.25 -41.09
C LYS C 73 -11.03 9.85 -41.89
N SER C 74 -10.91 11.18 -41.89
CA SER C 74 -9.92 11.87 -42.68
C SER C 74 -8.50 11.42 -42.38
N SER C 75 -8.21 11.14 -41.11
CA SER C 75 -6.87 10.73 -40.67
C SER C 75 -6.80 9.24 -40.34
N SER C 76 -7.88 8.50 -40.62
CA SER C 76 -7.94 7.06 -40.35
C SER C 76 -7.52 6.73 -38.92
N THR C 77 -8.03 7.52 -37.98
CA THR C 77 -7.67 7.45 -36.56
C THR C 77 -8.90 7.20 -35.70
N ALA C 78 -8.78 6.25 -34.79
CA ALA C 78 -9.77 5.97 -33.77
C ALA C 78 -9.32 6.56 -32.43
N TYR C 79 -10.28 7.00 -31.62
CA TYR C 79 -10.02 7.64 -30.33
C TYR C 79 -10.87 6.99 -29.22
N MET C 80 -10.31 6.90 -28.03
CA MET C 80 -11.08 6.54 -26.86
C MET C 80 -10.86 7.57 -25.77
N ASP C 81 -11.97 8.12 -25.29
CA ASP C 81 -11.97 9.10 -24.23
C ASP C 81 -12.41 8.39 -22.97
N LEU C 82 -11.58 8.41 -21.94
CA LEU C 82 -11.92 7.84 -20.64
C LEU C 82 -12.13 8.95 -19.65
N ARG C 83 -13.26 8.96 -18.95
CA ARG C 83 -13.61 10.10 -18.08
C ARG C 83 -13.68 9.73 -16.61
N SER C 84 -13.87 10.73 -15.75
CA SER C 84 -13.92 10.58 -14.29
C SER C 84 -12.88 9.57 -13.79
N LEU C 85 -11.64 9.82 -14.14
CA LEU C 85 -10.56 8.86 -13.93
C LEU C 85 -10.21 8.65 -12.45
N SER C 86 -9.92 7.41 -12.11
CA SER C 86 -9.41 7.06 -10.80
C SER C 86 -8.31 6.03 -11.00
N SER C 87 -7.66 5.62 -9.91
CA SER C 87 -6.57 4.66 -9.98
C SER C 87 -7.04 3.28 -10.49
N GLU C 88 -8.34 3.01 -10.37
CA GLU C 88 -8.94 1.82 -10.98
C GLU C 88 -8.76 1.78 -12.50
N ASP C 89 -8.60 2.96 -13.12
CA ASP C 89 -8.38 3.07 -14.56
C ASP C 89 -6.92 3.09 -15.00
N SER C 90 -5.97 3.03 -14.07
CA SER C 90 -4.57 2.92 -14.44
C SER C 90 -4.38 1.53 -15.04
N ALA C 91 -3.92 1.50 -16.28
CA ALA C 91 -3.81 0.26 -17.03
C ALA C 91 -3.13 0.50 -18.36
N VAL C 92 -2.86 -0.57 -19.08
CA VAL C 92 -2.50 -0.47 -20.49
C VAL C 92 -3.78 -0.66 -21.29
N TYR C 93 -3.99 0.22 -22.27
CA TYR C 93 -5.14 0.15 -23.15
C TYR C 93 -4.67 -0.14 -24.57
N PHE C 94 -5.19 -1.23 -25.13
CA PHE C 94 -4.90 -1.65 -26.48
C PHE C 94 -6.04 -1.30 -27.40
N CYS C 95 -5.73 -0.81 -28.59
CA CYS C 95 -6.71 -0.84 -29.66
C CYS C 95 -6.41 -2.08 -30.49
N ALA C 96 -7.44 -2.60 -31.12
CA ALA C 96 -7.33 -3.84 -31.87
C ALA C 96 -8.40 -3.87 -32.95
N ARG C 97 -8.08 -4.44 -34.10
CA ARG C 97 -8.99 -4.55 -35.21
C ARG C 97 -9.63 -5.93 -35.19
N ILE C 98 -10.95 -5.99 -35.39
CA ILE C 98 -11.65 -7.25 -35.59
C ILE C 98 -11.75 -7.53 -37.10
N TYR C 99 -11.54 -8.78 -37.48
CA TYR C 99 -11.60 -9.17 -38.87
C TYR C 99 -13.07 -9.26 -39.33
N HIS C 100 -13.52 -8.22 -40.02
CA HIS C 100 -14.90 -8.12 -40.51
C HIS C 100 -15.93 -8.56 -39.46
N TYR C 101 -16.67 -9.64 -39.71
CA TYR C 101 -17.66 -10.13 -38.75
C TYR C 101 -17.28 -11.49 -38.21
N ASP C 102 -16.01 -11.89 -38.32
CA ASP C 102 -15.57 -13.21 -37.88
C ASP C 102 -15.20 -13.27 -36.39
N GLY C 103 -15.28 -12.13 -35.70
CA GLY C 103 -15.20 -12.10 -34.25
C GLY C 103 -13.85 -12.42 -33.66
N TYR C 104 -12.77 -12.12 -34.39
CA TYR C 104 -11.42 -12.29 -33.87
C TYR C 104 -10.56 -11.05 -34.08
N PHE C 105 -9.72 -10.76 -33.10
CA PHE C 105 -8.85 -9.59 -33.15
C PHE C 105 -7.55 -9.96 -33.86
N ASP C 106 -7.41 -9.58 -35.14
CA ASP C 106 -6.23 -9.99 -35.91
C ASP C 106 -5.01 -9.09 -35.73
N VAL C 107 -5.21 -7.80 -35.53
CA VAL C 107 -4.09 -6.86 -35.40
C VAL C 107 -4.27 -6.02 -34.14
N TRP C 108 -3.20 -5.91 -33.36
CA TRP C 108 -3.21 -5.19 -32.08
C TRP C 108 -2.19 -4.06 -32.08
N GLY C 109 -2.57 -2.93 -31.51
CA GLY C 109 -1.60 -1.90 -31.18
C GLY C 109 -0.67 -2.35 -30.05
N ALA C 110 0.34 -1.53 -29.78
CA ALA C 110 1.37 -1.83 -28.77
C ALA C 110 0.91 -1.46 -27.35
N GLY C 111 -0.21 -0.75 -27.27
CA GLY C 111 -0.80 -0.36 -26.00
C GLY C 111 -0.35 1.01 -25.52
N THR C 112 -1.26 1.68 -24.82
CA THR C 112 -1.01 2.98 -24.19
C THR C 112 -1.17 2.80 -22.67
N ALA C 113 -0.09 3.08 -21.94
CA ALA C 113 -0.07 3.03 -20.50
C ALA C 113 -0.60 4.35 -19.93
N VAL C 114 -1.73 4.26 -19.23
CA VAL C 114 -2.32 5.38 -18.53
C VAL C 114 -2.18 5.20 -17.03
N THR C 115 -1.52 6.16 -16.39
CA THR C 115 -1.42 6.21 -14.94
C THR C 115 -2.32 7.36 -14.48
N VAL C 116 -3.26 7.04 -13.60
CA VAL C 116 -4.07 8.06 -12.95
C VAL C 116 -3.50 8.26 -11.56
N SER C 117 -2.95 9.45 -11.29
CA SER C 117 -2.42 9.76 -9.98
C SER C 117 -2.38 11.26 -9.72
N SER C 118 -2.43 11.63 -8.44
CA SER C 118 -2.26 13.02 -8.03
C SER C 118 -0.78 13.41 -8.00
N ALA C 119 0.11 12.42 -7.96
CA ALA C 119 1.54 12.68 -7.82
C ALA C 119 2.08 13.34 -9.07
N LYS C 120 3.05 14.22 -8.85
CA LYS C 120 3.66 14.98 -9.94
C LYS C 120 4.72 14.14 -10.66
N THR C 121 5.02 14.53 -11.89
CA THR C 121 6.08 13.92 -12.66
C THR C 121 7.44 14.15 -11.99
N THR C 122 8.24 13.09 -11.86
CA THR C 122 9.58 13.18 -11.32
C THR C 122 10.56 12.49 -12.26
N ALA C 123 11.56 13.24 -12.71
CA ALA C 123 12.61 12.73 -13.57
C ALA C 123 13.54 11.80 -12.79
N PRO C 124 14.04 10.73 -13.41
CA PRO C 124 14.95 9.80 -12.74
C PRO C 124 16.37 10.32 -12.59
N SER C 125 17.05 9.80 -11.58
CA SER C 125 18.49 9.79 -11.53
C SER C 125 18.95 8.49 -12.19
N VAL C 126 20.04 8.56 -12.94
CA VAL C 126 20.56 7.41 -13.68
C VAL C 126 22.02 7.23 -13.32
N TYR C 127 22.35 6.08 -12.74
CA TYR C 127 23.67 5.85 -12.21
C TYR C 127 24.34 4.69 -12.91
N PRO C 128 25.57 4.90 -13.38
CA PRO C 128 26.34 3.81 -13.96
C PRO C 128 26.90 2.94 -12.83
N LEU C 129 26.87 1.63 -13.01
CA LEU C 129 27.35 0.70 -12.00
C LEU C 129 28.48 -0.14 -12.59
N ALA C 130 29.70 0.24 -12.26
CA ALA C 130 30.90 -0.48 -12.66
C ALA C 130 31.23 -1.50 -11.58
N PRO C 131 31.99 -2.55 -11.92
CA PRO C 131 32.34 -3.60 -10.95
C PRO C 131 33.15 -3.09 -9.76
N VAL C 132 33.18 -3.89 -8.70
CA VAL C 132 33.98 -3.60 -7.52
C VAL C 132 35.42 -3.29 -7.94
N CYS C 133 36.02 -2.35 -7.22
CA CYS C 133 37.39 -1.92 -7.44
C CYS C 133 38.39 -3.06 -7.46
N GLY C 134 39.36 -2.98 -8.36
CA GLY C 134 40.52 -3.86 -8.33
C GLY C 134 40.54 -4.93 -9.40
N ASP C 135 41.46 -5.87 -9.23
CA ASP C 135 41.74 -6.89 -10.24
C ASP C 135 40.61 -7.90 -10.34
N THR C 136 40.20 -8.19 -11.58
CA THR C 136 39.20 -9.22 -11.87
C THR C 136 39.92 -10.43 -12.45
N THR C 137 39.58 -11.63 -11.98
CA THR C 137 40.22 -12.86 -12.44
C THR C 137 39.28 -13.82 -13.20
N GLY C 138 37.98 -13.50 -13.26
CA GLY C 138 37.02 -14.29 -14.01
C GLY C 138 37.02 -14.06 -15.52
N SER C 139 36.30 -14.91 -16.24
CA SER C 139 36.19 -14.85 -17.70
C SER C 139 35.24 -13.76 -18.20
N SER C 140 34.35 -13.30 -17.34
CA SER C 140 33.33 -12.35 -17.75
C SER C 140 33.17 -11.22 -16.72
N VAL C 141 32.52 -10.15 -17.16
CA VAL C 141 32.29 -8.97 -16.33
C VAL C 141 30.80 -8.60 -16.42
N THR C 142 30.26 -8.13 -15.30
CA THR C 142 28.87 -7.71 -15.22
C THR C 142 28.82 -6.24 -14.83
N LEU C 143 28.13 -5.45 -15.64
CA LEU C 143 27.90 -4.05 -15.38
C LEU C 143 26.42 -3.82 -15.10
N GLY C 144 26.12 -2.67 -14.53
CA GLY C 144 24.76 -2.33 -14.17
C GLY C 144 24.41 -0.89 -14.45
N CYS C 145 23.13 -0.60 -14.32
CA CYS C 145 22.59 0.72 -14.51
C CYS C 145 21.42 0.84 -13.57
N LEU C 146 21.42 1.87 -12.73
CA LEU C 146 20.38 2.05 -11.74
C LEU C 146 19.61 3.32 -12.09
N VAL C 147 18.28 3.18 -12.20
CA VAL C 147 17.41 4.29 -12.58
C VAL C 147 16.49 4.51 -11.40
N LYS C 148 16.76 5.56 -10.62
CA LYS C 148 16.12 5.76 -9.33
C LYS C 148 15.29 7.06 -9.26
N GLY C 149 14.17 6.99 -8.55
CA GLY C 149 13.43 8.17 -8.12
C GLY C 149 12.53 8.82 -9.14
N TYR C 150 11.88 8.03 -10.00
CA TYR C 150 11.06 8.58 -11.08
C TYR C 150 9.58 8.25 -10.94
N PHE C 151 8.75 9.05 -11.58
CA PHE C 151 7.32 8.80 -11.67
C PHE C 151 6.82 9.61 -12.86
N PRO C 152 5.94 9.08 -13.70
CA PRO C 152 5.38 7.73 -13.64
C PRO C 152 6.20 6.76 -14.46
N GLU C 153 5.72 5.51 -14.54
CA GLU C 153 6.14 4.60 -15.58
C GLU C 153 5.52 5.08 -16.90
N PRO C 154 6.12 4.73 -18.05
CA PRO C 154 7.30 3.85 -18.14
C PRO C 154 8.61 4.59 -18.31
N VAL C 155 9.68 3.83 -18.13
CA VAL C 155 11.02 4.20 -18.52
C VAL C 155 11.48 3.15 -19.54
N THR C 156 12.31 3.55 -20.50
CA THR C 156 12.96 2.59 -21.38
C THR C 156 14.48 2.68 -21.24
N LEU C 157 15.12 1.54 -20.97
CA LEU C 157 16.58 1.41 -20.87
C LEU C 157 16.85 0.59 -22.14
N THR C 158 17.75 1.04 -23.00
CA THR C 158 18.87 0.24 -23.51
C THR C 158 20.36 0.42 -23.20
N TRP C 159 21.15 -0.41 -23.91
CA TRP C 159 22.59 -0.51 -23.81
C TRP C 159 23.31 -0.71 -25.17
N ASN C 160 24.43 -0.02 -25.41
CA ASN C 160 24.58 1.01 -26.49
C ASN C 160 23.47 1.17 -27.54
N SER C 161 22.38 1.84 -27.18
CA SER C 161 21.32 2.21 -28.12
C SER C 161 20.61 1.01 -28.77
N GLY C 162 20.57 -0.11 -28.06
CA GLY C 162 19.89 -1.30 -28.54
C GLY C 162 20.78 -2.35 -29.20
N SER C 163 22.02 -1.98 -29.53
CA SER C 163 22.95 -2.89 -30.21
C SER C 163 23.58 -3.95 -29.30
N LEU C 164 23.54 -3.72 -27.98
CA LEU C 164 23.96 -4.72 -26.99
C LEU C 164 22.72 -5.23 -26.27
N SER C 165 22.27 -6.43 -26.65
CA SER C 165 20.98 -6.95 -26.19
C SER C 165 21.12 -8.29 -25.46
N SER C 166 21.94 -9.20 -25.97
CA SER C 166 22.17 -10.48 -25.32
C SER C 166 22.99 -10.30 -24.05
N GLY C 167 22.66 -11.07 -23.01
CA GLY C 167 23.31 -10.96 -21.72
C GLY C 167 22.72 -9.88 -20.83
N VAL C 168 21.58 -9.31 -21.23
CA VAL C 168 20.95 -8.20 -20.52
C VAL C 168 19.77 -8.71 -19.71
N HIS C 169 19.65 -8.17 -18.49
CA HIS C 169 18.48 -8.38 -17.63
C HIS C 169 17.98 -7.04 -17.16
N THR C 170 16.80 -6.65 -17.63
CA THR C 170 16.19 -5.42 -17.18
C THR C 170 15.05 -5.79 -16.23
N PHE C 171 15.15 -5.30 -15.01
CA PHE C 171 14.25 -5.68 -13.93
C PHE C 171 13.05 -4.74 -13.89
N PRO C 172 11.85 -5.30 -13.73
CA PRO C 172 10.64 -4.48 -13.61
C PRO C 172 10.76 -3.43 -12.53
N ALA C 173 10.21 -2.25 -12.78
CA ALA C 173 10.22 -1.18 -11.80
C ALA C 173 9.40 -1.58 -10.58
N VAL C 174 9.86 -1.13 -9.42
CA VAL C 174 9.13 -1.30 -8.17
C VAL C 174 8.85 0.07 -7.56
N LEU C 175 7.62 0.23 -7.07
CA LEU C 175 7.14 1.48 -6.50
C LEU C 175 7.37 1.51 -4.99
N GLN C 176 7.91 2.63 -4.52
CA GLN C 176 8.20 2.86 -3.11
C GLN C 176 8.01 4.35 -2.84
N SER C 177 7.09 4.69 -1.95
CA SER C 177 6.86 6.08 -1.57
C SER C 177 6.64 6.99 -2.78
N ASP C 178 5.78 6.57 -3.69
CA ASP C 178 5.40 7.38 -4.87
C ASP C 178 6.53 7.57 -5.90
N LEU C 179 7.59 6.78 -5.79
CA LEU C 179 8.69 6.82 -6.77
C LEU C 179 9.15 5.42 -7.17
N TYR C 180 9.45 5.26 -8.44
CA TYR C 180 9.89 4.00 -9.02
C TYR C 180 11.41 3.88 -9.05
N THR C 181 11.87 2.63 -8.93
CA THR C 181 13.26 2.28 -9.17
C THR C 181 13.29 1.08 -10.11
N LEU C 182 14.17 1.17 -11.10
CA LEU C 182 14.44 0.10 -12.06
C LEU C 182 15.96 -0.08 -12.15
N SER C 183 16.39 -1.26 -12.55
CA SER C 183 17.80 -1.51 -12.78
C SER C 183 17.97 -2.47 -13.95
N SER C 184 19.19 -2.54 -14.44
CA SER C 184 19.51 -3.44 -15.52
C SER C 184 20.95 -3.87 -15.43
N SER C 185 21.20 -5.15 -15.64
CA SER C 185 22.55 -5.68 -15.66
C SER C 185 22.89 -6.12 -17.08
N VAL C 186 24.17 -6.07 -17.42
CA VAL C 186 24.65 -6.62 -18.69
C VAL C 186 25.96 -7.33 -18.40
N THR C 187 26.12 -8.56 -18.90
CA THR C 187 27.41 -9.22 -18.76
C THR C 187 27.98 -9.61 -20.12
N VAL C 188 29.24 -9.26 -20.28
CA VAL C 188 30.01 -9.48 -21.50
C VAL C 188 31.32 -10.18 -21.13
N THR C 189 32.12 -10.55 -22.12
CA THR C 189 33.44 -11.12 -21.85
C THR C 189 34.39 -10.02 -21.32
N SER C 190 35.40 -10.44 -20.55
CA SER C 190 36.42 -9.52 -20.05
C SER C 190 37.14 -8.77 -21.17
N SER C 191 37.35 -9.43 -22.31
CA SER C 191 38.00 -8.79 -23.46
C SER C 191 37.11 -7.72 -24.12
N THR C 192 35.81 -7.82 -23.91
CA THR C 192 34.86 -6.79 -24.38
C THR C 192 34.97 -5.48 -23.59
N TRP C 193 34.98 -5.56 -22.26
CA TRP C 193 34.97 -4.37 -21.40
C TRP C 193 36.06 -4.44 -20.33
N PRO C 194 36.79 -3.35 -20.06
CA PRO C 194 36.51 -1.98 -20.53
C PRO C 194 37.11 -1.52 -21.88
N SER C 195 37.55 -2.42 -22.75
CA SER C 195 38.24 -2.00 -23.98
C SER C 195 37.27 -1.35 -24.99
N GLN C 196 36.03 -1.83 -25.02
CA GLN C 196 34.96 -1.22 -25.81
C GLN C 196 34.03 -0.42 -24.91
N SER C 197 33.42 0.62 -25.45
CA SER C 197 32.51 1.47 -24.68
C SER C 197 31.18 0.75 -24.43
N ILE C 198 30.66 0.89 -23.21
CA ILE C 198 29.33 0.41 -22.88
C ILE C 198 28.57 1.53 -22.16
N THR C 199 27.47 1.99 -22.77
CA THR C 199 26.60 3.06 -22.28
C THR C 199 25.34 2.26 -21.94
N CYS C 200 24.80 2.41 -20.73
CA CYS C 200 23.40 2.90 -20.46
C CYS C 200 22.69 4.10 -21.09
N ASN C 201 21.60 3.82 -21.81
CA ASN C 201 20.67 4.85 -22.31
C ASN C 201 19.29 4.72 -21.68
N VAL C 202 18.82 5.80 -21.07
CA VAL C 202 17.55 5.83 -20.34
C VAL C 202 16.65 6.95 -20.87
N ALA C 203 15.38 6.63 -21.12
CA ALA C 203 14.41 7.63 -21.55
C ALA C 203 13.18 7.57 -20.66
N HIS C 204 12.74 8.73 -20.17
CA HIS C 204 11.53 8.87 -19.39
C HIS C 204 10.64 9.87 -20.10
N PRO C 205 9.74 9.41 -20.98
CA PRO C 205 8.88 10.30 -21.76
C PRO C 205 8.19 11.40 -20.94
N ALA C 206 7.58 11.02 -19.82
CA ALA C 206 6.81 11.96 -18.99
C ALA C 206 7.57 13.23 -18.60
N SER C 207 8.87 13.09 -18.34
CA SER C 207 9.72 14.22 -17.97
C SER C 207 10.59 14.71 -19.13
N SER C 208 10.35 14.19 -20.33
CA SER C 208 11.12 14.50 -21.53
C SER C 208 12.63 14.36 -21.25
N THR C 209 12.97 13.28 -20.55
CA THR C 209 14.32 13.00 -20.16
C THR C 209 14.94 11.98 -21.11
N LYS C 210 16.14 12.29 -21.56
CA LYS C 210 16.96 11.35 -22.32
C LYS C 210 18.39 11.55 -21.83
N VAL C 211 18.98 10.50 -21.27
CA VAL C 211 20.31 10.60 -20.70
C VAL C 211 21.12 9.33 -20.97
N ASP C 212 22.41 9.52 -21.21
CA ASP C 212 23.34 8.42 -21.39
C ASP C 212 24.34 8.44 -20.24
N LYS C 213 24.70 7.26 -19.78
CA LYS C 213 25.73 7.12 -18.77
C LYS C 213 26.68 6.01 -19.19
N LYS C 214 27.91 6.40 -19.52
CA LYS C 214 28.95 5.46 -19.90
C LYS C 214 29.49 4.80 -18.64
N ILE C 215 29.61 3.47 -18.69
CA ILE C 215 30.15 2.69 -17.58
C ILE C 215 31.65 2.81 -17.61
N GLU C 216 32.23 3.42 -16.58
CA GLU C 216 33.68 3.58 -16.48
C GLU C 216 34.24 2.88 -15.23
N PRO C 217 35.41 2.25 -15.36
CA PRO C 217 36.07 1.59 -14.22
C PRO C 217 36.34 2.53 -13.04
N ARG C 218 36.19 2.00 -11.82
CA ARG C 218 36.49 2.74 -10.60
C ARG C 218 37.99 2.74 -10.36
N ASN D 1 -23.32 -10.97 -20.67
CA ASN D 1 -21.99 -11.46 -20.19
C ASN D 1 -21.87 -12.98 -20.35
N ILE D 2 -21.23 -13.41 -21.44
CA ILE D 2 -20.85 -14.81 -21.61
C ILE D 2 -19.50 -15.01 -20.94
N VAL D 3 -19.48 -15.78 -19.87
CA VAL D 3 -18.25 -16.01 -19.13
C VAL D 3 -17.40 -17.08 -19.79
N MET D 4 -16.14 -16.74 -20.07
CA MET D 4 -15.15 -17.70 -20.53
C MET D 4 -14.27 -18.06 -19.34
N THR D 5 -14.23 -19.34 -19.01
CA THR D 5 -13.43 -19.84 -17.90
C THR D 5 -12.26 -20.66 -18.44
N GLN D 6 -11.04 -20.23 -18.16
CA GLN D 6 -9.84 -20.92 -18.62
C GLN D 6 -9.23 -21.72 -17.49
N SER D 7 -8.66 -22.86 -17.85
CA SER D 7 -7.88 -23.65 -16.92
C SER D 7 -6.76 -24.38 -17.67
N PRO D 8 -5.68 -24.74 -16.96
CA PRO D 8 -5.46 -24.34 -15.57
C PRO D 8 -5.04 -22.89 -15.49
N LYS D 9 -4.89 -22.37 -14.27
CA LYS D 9 -4.47 -20.99 -14.09
C LYS D 9 -3.01 -20.82 -14.54
N SER D 10 -2.22 -21.88 -14.32
CA SER D 10 -0.84 -21.90 -14.77
C SER D 10 -0.32 -23.34 -14.82
N MET D 11 0.76 -23.51 -15.57
CA MET D 11 1.39 -24.81 -15.72
C MET D 11 2.87 -24.59 -15.99
N SER D 12 3.67 -25.57 -15.59
CA SER D 12 5.11 -25.54 -15.75
C SER D 12 5.53 -26.79 -16.53
N MET D 13 6.02 -26.60 -17.76
CA MET D 13 6.27 -27.70 -18.68
C MET D 13 7.70 -27.68 -19.22
N SER D 14 8.31 -28.86 -19.32
CA SER D 14 9.63 -29.02 -19.91
C SER D 14 9.55 -28.92 -21.43
N VAL D 15 10.62 -28.39 -22.04
CA VAL D 15 10.76 -28.37 -23.50
C VAL D 15 10.51 -29.77 -24.05
N GLY D 16 9.61 -29.87 -25.02
CA GLY D 16 9.29 -31.13 -25.67
C GLY D 16 7.97 -31.74 -25.26
N GLU D 17 7.46 -31.37 -24.08
CA GLU D 17 6.22 -31.93 -23.55
C GLU D 17 5.00 -31.37 -24.25
N ARG D 18 3.90 -32.11 -24.14
CA ARG D 18 2.62 -31.75 -24.70
C ARG D 18 1.85 -30.97 -23.63
N VAL D 19 1.16 -29.91 -24.03
CA VAL D 19 0.39 -29.10 -23.08
C VAL D 19 -1.00 -28.80 -23.65
N THR D 20 -2.01 -28.93 -22.80
CA THR D 20 -3.40 -28.68 -23.20
C THR D 20 -4.03 -27.60 -22.32
N LEU D 21 -4.46 -26.52 -22.97
CA LEU D 21 -5.18 -25.44 -22.32
C LEU D 21 -6.67 -25.56 -22.64
N THR D 22 -7.50 -25.29 -21.65
CA THR D 22 -8.96 -25.42 -21.80
C THR D 22 -9.66 -24.09 -21.59
N CYS D 23 -10.76 -23.90 -22.31
CA CYS D 23 -11.55 -22.69 -22.28
C CYS D 23 -13.02 -23.05 -22.41
N LYS D 24 -13.81 -22.75 -21.39
CA LYS D 24 -15.22 -23.15 -21.36
C LYS D 24 -16.15 -21.92 -21.31
N ALA D 25 -16.99 -21.78 -22.34
CA ALA D 25 -18.00 -20.72 -22.38
C ALA D 25 -19.21 -21.09 -21.51
N SER D 26 -19.83 -20.08 -20.90
CA SER D 26 -21.00 -20.28 -20.03
C SER D 26 -22.26 -20.55 -20.86
N GLU D 27 -22.23 -20.14 -22.11
CA GLU D 27 -23.24 -20.56 -23.08
C GLU D 27 -22.66 -20.70 -24.48
N ASN D 28 -23.48 -21.22 -25.38
CA ASN D 28 -23.14 -21.39 -26.79
C ASN D 28 -22.47 -20.17 -27.41
N VAL D 29 -21.27 -20.36 -27.96
CA VAL D 29 -20.58 -19.35 -28.75
C VAL D 29 -20.21 -19.92 -30.13
N VAL D 30 -20.79 -21.07 -30.47
CA VAL D 30 -20.56 -21.76 -31.73
C VAL D 30 -19.05 -22.01 -31.93
N THR D 31 -18.42 -21.34 -32.88
CA THR D 31 -17.00 -21.53 -33.13
C THR D 31 -16.21 -20.23 -33.07
N TYR D 32 -16.80 -19.17 -32.52
CA TYR D 32 -16.18 -17.84 -32.53
C TYR D 32 -15.24 -17.63 -31.34
N VAL D 33 -14.37 -18.60 -31.10
CA VAL D 33 -13.42 -18.54 -29.99
C VAL D 33 -12.01 -18.42 -30.56
N SER D 34 -11.23 -17.53 -29.97
CA SER D 34 -9.87 -17.27 -30.43
C SER D 34 -8.90 -17.40 -29.27
N TRP D 35 -7.64 -17.72 -29.61
CA TRP D 35 -6.57 -17.82 -28.63
C TRP D 35 -5.48 -16.82 -28.97
N TYR D 36 -5.05 -16.08 -27.96
CA TYR D 36 -4.03 -15.04 -28.07
C TYR D 36 -2.88 -15.40 -27.16
N GLN D 37 -1.66 -15.16 -27.66
CA GLN D 37 -0.46 -15.39 -26.91
C GLN D 37 0.08 -14.03 -26.53
N GLN D 38 0.47 -13.86 -25.28
CA GLN D 38 1.02 -12.60 -24.85
C GLN D 38 2.32 -12.84 -24.09
N LYS D 39 3.44 -12.56 -24.74
CA LYS D 39 4.74 -12.67 -24.10
C LYS D 39 4.92 -11.41 -23.24
N PRO D 40 5.83 -11.45 -22.28
CA PRO D 40 6.08 -10.27 -21.43
C PRO D 40 6.52 -9.07 -22.27
N GLU D 41 6.15 -7.86 -21.86
CA GLU D 41 6.51 -6.61 -22.57
C GLU D 41 5.68 -6.37 -23.85
N GLN D 42 4.72 -7.24 -24.15
CA GLN D 42 4.11 -7.27 -25.49
C GLN D 42 2.59 -7.21 -25.48
N SER D 43 2.05 -6.83 -26.62
CA SER D 43 0.61 -6.90 -26.87
C SER D 43 0.24 -8.35 -27.16
N PRO D 44 -1.02 -8.70 -26.96
CA PRO D 44 -1.52 -10.01 -27.40
C PRO D 44 -1.32 -10.20 -28.90
N LYS D 45 -1.06 -11.44 -29.30
CA LYS D 45 -0.94 -11.81 -30.71
C LYS D 45 -1.82 -13.02 -31.00
N LEU D 46 -2.59 -12.93 -32.07
CA LEU D 46 -3.50 -13.98 -32.47
C LEU D 46 -2.76 -15.26 -32.88
N LEU D 47 -3.18 -16.37 -32.28
CA LEU D 47 -2.64 -17.70 -32.58
C LEU D 47 -3.65 -18.49 -33.38
N ILE D 48 -4.85 -18.60 -32.82
CA ILE D 48 -5.94 -19.41 -33.35
C ILE D 48 -7.21 -18.56 -33.40
N TYR D 49 -7.97 -18.65 -34.50
CA TYR D 49 -9.29 -18.02 -34.58
C TYR D 49 -10.32 -19.02 -35.11
N GLY D 50 -11.59 -18.79 -34.79
CA GLY D 50 -12.65 -19.64 -35.31
C GLY D 50 -12.56 -21.03 -34.71
N ALA D 51 -12.06 -21.10 -33.47
CA ALA D 51 -11.87 -22.34 -32.71
C ALA D 51 -10.72 -23.23 -33.17
N SER D 52 -10.50 -23.37 -34.47
CA SER D 52 -9.56 -24.34 -35.01
C SER D 52 -8.57 -23.84 -36.08
N ASN D 53 -8.72 -22.59 -36.51
CA ASN D 53 -7.91 -22.06 -37.61
C ASN D 53 -6.61 -21.42 -37.13
N ARG D 54 -5.49 -21.97 -37.58
CA ARG D 54 -4.18 -21.41 -37.30
C ARG D 54 -4.00 -20.10 -38.09
N TYR D 55 -3.65 -19.01 -37.41
CA TYR D 55 -3.42 -17.72 -38.07
C TYR D 55 -2.09 -17.72 -38.83
N THR D 56 -2.01 -16.85 -39.83
CA THR D 56 -0.78 -16.56 -40.57
C THR D 56 0.45 -16.47 -39.66
N GLY D 57 1.50 -17.20 -40.02
CA GLY D 57 2.77 -17.11 -39.33
C GLY D 57 2.90 -17.87 -38.02
N VAL D 58 1.82 -18.54 -37.60
CA VAL D 58 1.81 -19.28 -36.34
C VAL D 58 2.37 -20.69 -36.55
N PRO D 59 3.38 -21.08 -35.76
CA PRO D 59 3.97 -22.42 -35.86
C PRO D 59 2.93 -23.54 -35.74
N ASP D 60 3.14 -24.64 -36.44
CA ASP D 60 2.15 -25.72 -36.51
C ASP D 60 2.06 -26.61 -35.26
N ARG D 61 2.88 -26.34 -34.24
CA ARG D 61 2.74 -27.02 -32.95
C ARG D 61 1.51 -26.53 -32.15
N PHE D 62 0.98 -25.36 -32.49
CA PHE D 62 -0.25 -24.83 -31.89
C PHE D 62 -1.47 -25.31 -32.66
N THR D 63 -2.44 -25.88 -31.96
CA THR D 63 -3.68 -26.37 -32.56
C THR D 63 -4.86 -26.06 -31.64
N GLY D 64 -5.97 -25.62 -32.21
CA GLY D 64 -7.20 -25.45 -31.45
C GLY D 64 -8.29 -26.39 -31.91
N SER D 65 -9.20 -26.74 -31.02
CA SER D 65 -10.39 -27.52 -31.35
C SER D 65 -11.55 -27.17 -30.42
N GLY D 66 -12.75 -27.60 -30.79
CA GLY D 66 -13.93 -27.46 -29.96
C GLY D 66 -15.06 -26.66 -30.60
N SER D 67 -16.22 -26.71 -29.95
CA SER D 67 -17.38 -25.93 -30.38
C SER D 67 -18.38 -25.75 -29.24
N ALA D 68 -19.42 -24.95 -29.49
CA ALA D 68 -20.46 -24.64 -28.51
C ALA D 68 -19.87 -24.04 -27.22
N THR D 69 -19.58 -24.88 -26.22
CA THR D 69 -19.05 -24.41 -24.94
C THR D 69 -17.63 -24.87 -24.61
N ASP D 70 -17.11 -25.88 -25.29
CA ASP D 70 -15.84 -26.50 -24.90
C ASP D 70 -14.76 -26.31 -25.96
N PHE D 71 -13.64 -25.75 -25.53
CA PHE D 71 -12.55 -25.40 -26.43
C PHE D 71 -11.19 -25.69 -25.79
N THR D 72 -10.22 -26.05 -26.61
CA THR D 72 -8.86 -26.31 -26.16
C THR D 72 -7.84 -25.72 -27.13
N LEU D 73 -6.67 -25.37 -26.58
CA LEU D 73 -5.48 -25.07 -27.35
C LEU D 73 -4.42 -26.08 -26.93
N THR D 74 -3.82 -26.75 -27.91
CA THR D 74 -2.77 -27.74 -27.66
C THR D 74 -1.46 -27.29 -28.27
N ILE D 75 -0.38 -27.38 -27.49
CA ILE D 75 0.97 -27.22 -28.00
C ILE D 75 1.58 -28.61 -28.00
N SER D 76 1.89 -29.13 -29.19
CA SER D 76 2.29 -30.53 -29.36
C SER D 76 3.64 -30.82 -28.74
N SER D 77 4.56 -29.88 -28.88
CA SER D 77 5.90 -29.98 -28.30
C SER D 77 6.35 -28.58 -27.90
N VAL D 78 6.20 -28.25 -26.62
CA VAL D 78 6.48 -26.89 -26.15
C VAL D 78 7.96 -26.53 -26.31
N GLN D 79 8.20 -25.30 -26.75
CA GLN D 79 9.55 -24.78 -26.92
C GLN D 79 9.78 -23.66 -25.90
N ALA D 80 11.03 -23.29 -25.70
CA ALA D 80 11.39 -22.35 -24.63
C ALA D 80 10.80 -20.96 -24.85
N GLU D 81 10.68 -20.57 -26.12
CA GLU D 81 10.09 -19.28 -26.49
C GLU D 81 8.58 -19.17 -26.24
N ASP D 82 7.94 -20.31 -25.93
CA ASP D 82 6.49 -20.36 -25.78
C ASP D 82 5.97 -19.88 -24.44
N LEU D 83 6.88 -19.58 -23.51
CA LEU D 83 6.47 -18.99 -22.23
C LEU D 83 5.70 -17.72 -22.56
N ALA D 84 4.51 -17.61 -21.96
CA ALA D 84 3.57 -16.54 -22.27
C ALA D 84 2.33 -16.69 -21.42
N ASP D 85 1.50 -15.66 -21.41
CA ASP D 85 0.10 -15.80 -20.97
C ASP D 85 -0.74 -16.08 -22.20
N TYR D 86 -1.65 -17.04 -22.09
CA TYR D 86 -2.52 -17.45 -23.19
C TYR D 86 -3.96 -17.09 -22.82
N HIS D 87 -4.61 -16.33 -23.69
CA HIS D 87 -5.96 -15.82 -23.47
C HIS D 87 -6.89 -16.38 -24.53
N CYS D 88 -8.04 -16.87 -24.10
CA CYS D 88 -9.10 -17.16 -25.06
C CYS D 88 -10.12 -16.05 -24.97
N GLY D 89 -10.87 -15.88 -26.05
CA GLY D 89 -11.90 -14.86 -26.12
C GLY D 89 -13.00 -15.34 -27.04
N GLN D 90 -14.23 -14.92 -26.75
CA GLN D 90 -15.34 -15.17 -27.65
C GLN D 90 -15.69 -13.89 -28.38
N GLY D 91 -15.99 -14.03 -29.67
CA GLY D 91 -16.44 -12.92 -30.50
C GLY D 91 -17.75 -13.29 -31.18
N TYR D 92 -18.53 -14.14 -30.53
CA TYR D 92 -19.82 -14.55 -31.06
C TYR D 92 -20.83 -13.42 -30.91
N SER D 93 -21.08 -12.98 -29.69
CA SER D 93 -22.07 -11.93 -29.43
C SER D 93 -21.56 -10.92 -28.41
N TYR D 94 -22.03 -9.68 -28.56
CA TYR D 94 -21.67 -8.60 -27.64
C TYR D 94 -22.35 -8.82 -26.28
N PRO D 95 -21.69 -8.50 -25.17
CA PRO D 95 -20.32 -7.95 -25.15
C PRO D 95 -19.26 -9.03 -25.36
N TYR D 96 -18.23 -8.70 -26.13
CA TYR D 96 -17.12 -9.62 -26.32
C TYR D 96 -16.38 -9.80 -24.99
N THR D 97 -15.96 -11.03 -24.74
CA THR D 97 -15.34 -11.38 -23.47
C THR D 97 -14.10 -12.25 -23.65
N PHE D 98 -13.29 -12.24 -22.61
CA PHE D 98 -12.04 -13.00 -22.53
C PHE D 98 -12.03 -13.84 -21.25
N GLY D 99 -11.32 -14.95 -21.30
CA GLY D 99 -11.04 -15.72 -20.10
C GLY D 99 -10.03 -15.03 -19.22
N GLY D 100 -9.73 -15.67 -18.09
CA GLY D 100 -8.81 -15.14 -17.10
C GLY D 100 -7.34 -15.38 -17.44
N GLY D 101 -7.07 -16.20 -18.44
CA GLY D 101 -5.72 -16.44 -18.91
C GLY D 101 -5.05 -17.63 -18.24
N THR D 102 -4.09 -18.22 -18.95
CA THR D 102 -3.26 -19.32 -18.45
C THR D 102 -1.80 -18.94 -18.62
N LYS D 103 -1.04 -18.97 -17.53
CA LYS D 103 0.39 -18.68 -17.58
C LYS D 103 1.19 -19.95 -17.86
N LEU D 104 1.88 -19.98 -18.98
CA LEU D 104 2.73 -21.10 -19.33
C LEU D 104 4.16 -20.75 -18.96
N GLU D 105 4.69 -21.51 -18.01
CA GLU D 105 6.06 -21.42 -17.55
C GLU D 105 6.82 -22.63 -18.05
N LEU D 106 8.14 -22.52 -18.08
CA LEU D 106 8.98 -23.62 -18.51
C LEU D 106 9.76 -24.20 -17.35
N LYS D 107 9.79 -25.52 -17.28
CA LYS D 107 10.54 -26.25 -16.29
C LYS D 107 11.86 -26.65 -16.90
N ARG D 108 12.94 -26.44 -16.15
CA ARG D 108 14.28 -26.82 -16.58
C ARG D 108 15.07 -27.30 -15.37
N ALA D 109 16.32 -27.69 -15.62
CA ALA D 109 17.23 -28.12 -14.56
C ALA D 109 17.58 -26.97 -13.62
N ASP D 110 17.77 -27.27 -12.35
CA ASP D 110 18.21 -26.27 -11.39
C ASP D 110 19.52 -25.61 -11.83
N ALA D 111 19.62 -24.31 -11.60
CA ALA D 111 20.81 -23.54 -11.93
C ALA D 111 21.07 -22.58 -10.78
N ALA D 112 22.30 -22.57 -10.28
CA ALA D 112 22.64 -21.71 -9.17
C ALA D 112 22.75 -20.26 -9.66
N PRO D 113 22.37 -19.30 -8.81
CA PRO D 113 22.55 -17.88 -9.15
C PRO D 113 24.01 -17.45 -9.17
N THR D 114 24.34 -16.57 -10.11
CA THR D 114 25.64 -15.89 -10.15
C THR D 114 25.44 -14.47 -9.62
N VAL D 115 26.16 -14.14 -8.55
CA VAL D 115 25.91 -12.93 -7.77
C VAL D 115 27.01 -11.90 -8.00
N SER D 116 26.61 -10.66 -8.32
CA SER D 116 27.53 -9.53 -8.50
C SER D 116 27.08 -8.37 -7.60
N ILE D 117 28.03 -7.76 -6.90
CA ILE D 117 27.72 -6.63 -6.02
C ILE D 117 28.34 -5.34 -6.56
N PHE D 118 27.63 -4.23 -6.37
CA PHE D 118 28.01 -2.92 -6.92
C PHE D 118 27.90 -1.84 -5.85
N PRO D 119 29.03 -1.28 -5.42
CA PRO D 119 29.01 -0.11 -4.54
C PRO D 119 28.27 1.06 -5.19
N PRO D 120 27.88 2.08 -4.41
CA PRO D 120 27.26 3.27 -4.99
C PRO D 120 28.18 3.86 -6.04
N SER D 121 27.59 4.40 -7.09
CA SER D 121 28.33 5.07 -8.13
C SER D 121 28.88 6.35 -7.53
N SER D 122 29.98 6.83 -8.10
CA SER D 122 30.57 8.08 -7.65
C SER D 122 29.59 9.25 -7.81
N GLU D 123 28.76 9.20 -8.83
CA GLU D 123 27.75 10.24 -9.07
C GLU D 123 26.72 10.28 -7.94
N GLN D 124 26.15 9.12 -7.60
CA GLN D 124 25.14 9.09 -6.53
C GLN D 124 25.74 9.54 -5.21
N LEU D 125 26.92 9.01 -4.90
CA LEU D 125 27.58 9.29 -3.63
C LEU D 125 27.92 10.77 -3.49
N THR D 126 28.43 11.35 -4.56
CA THR D 126 28.73 12.78 -4.56
C THR D 126 27.47 13.59 -4.34
N SER D 127 26.36 13.17 -4.94
CA SER D 127 25.09 13.90 -4.85
C SER D 127 24.38 13.76 -3.50
N GLY D 128 24.88 12.89 -2.61
CA GLY D 128 24.33 12.78 -1.28
C GLY D 128 23.62 11.47 -0.96
N GLY D 129 23.49 10.59 -1.94
CA GLY D 129 22.84 9.30 -1.75
C GLY D 129 23.80 8.12 -1.77
N ALA D 130 23.27 6.95 -1.45
CA ALA D 130 24.06 5.72 -1.49
C ALA D 130 23.17 4.51 -1.67
N SER D 131 23.30 3.84 -2.82
CA SER D 131 22.61 2.58 -3.08
C SER D 131 23.64 1.50 -3.41
N VAL D 132 23.49 0.35 -2.79
CA VAL D 132 24.34 -0.81 -3.05
C VAL D 132 23.45 -1.81 -3.76
N VAL D 133 23.94 -2.36 -4.88
CA VAL D 133 23.09 -3.20 -5.72
C VAL D 133 23.69 -4.58 -5.81
N CYS D 134 22.84 -5.59 -5.76
CA CYS D 134 23.24 -6.95 -5.98
C CYS D 134 22.38 -7.58 -7.07
N PHE D 135 23.03 -8.14 -8.09
CA PHE D 135 22.33 -8.91 -9.12
C PHE D 135 22.53 -10.40 -8.83
N LEU D 136 21.44 -11.14 -8.81
CA LEU D 136 21.43 -12.61 -8.70
C LEU D 136 20.89 -13.16 -10.02
N ASN D 137 21.78 -13.62 -10.87
CA ASN D 137 21.45 -13.83 -12.28
C ASN D 137 21.41 -15.29 -12.72
N ASN D 138 20.44 -15.59 -13.58
CA ASN D 138 20.32 -16.87 -14.28
C ASN D 138 20.22 -18.09 -13.38
N PHE D 139 19.24 -18.08 -12.49
CA PHE D 139 18.98 -19.20 -11.61
C PHE D 139 17.62 -19.86 -11.87
N TYR D 140 17.51 -21.09 -11.42
CA TYR D 140 16.25 -21.83 -11.46
C TYR D 140 16.27 -22.83 -10.31
N PRO D 141 15.19 -22.99 -9.54
CA PRO D 141 13.87 -22.36 -9.76
C PRO D 141 13.79 -20.91 -9.22
N LYS D 142 12.62 -20.30 -9.42
CA LYS D 142 12.42 -18.87 -9.19
C LYS D 142 12.60 -18.46 -7.74
N ASP D 143 12.32 -19.37 -6.82
CA ASP D 143 12.36 -19.07 -5.39
C ASP D 143 13.78 -18.70 -4.95
N ILE D 144 13.92 -17.52 -4.36
CA ILE D 144 15.20 -17.07 -3.85
C ILE D 144 15.01 -16.03 -2.75
N ASN D 145 16.00 -15.92 -1.86
CA ASN D 145 15.98 -14.92 -0.79
C ASN D 145 17.33 -14.21 -0.69
N VAL D 146 17.28 -12.94 -0.34
CA VAL D 146 18.48 -12.12 -0.20
C VAL D 146 18.52 -11.51 1.19
N LYS D 147 19.73 -11.46 1.76
CA LYS D 147 19.97 -10.87 3.06
C LYS D 147 21.16 -9.94 2.91
N TRP D 148 21.04 -8.74 3.45
CA TRP D 148 22.10 -7.75 3.41
C TRP D 148 22.76 -7.70 4.76
N LYS D 149 24.08 -7.50 4.76
CA LYS D 149 24.83 -7.28 5.97
C LYS D 149 25.75 -6.07 5.80
N ILE D 150 25.84 -5.25 6.84
CA ILE D 150 26.79 -4.14 6.93
C ILE D 150 27.68 -4.38 8.17
N ASP D 151 28.99 -4.50 7.95
CA ASP D 151 29.94 -4.86 9.02
C ASP D 151 29.45 -6.05 9.87
N GLY D 152 28.87 -7.04 9.20
CA GLY D 152 28.45 -8.27 9.83
C GLY D 152 27.06 -8.31 10.43
N SER D 153 26.38 -7.16 10.47
CA SER D 153 25.04 -7.05 11.06
C SER D 153 23.99 -6.99 9.95
N GLU D 154 22.92 -7.75 10.12
CA GLU D 154 21.84 -7.80 9.14
C GLU D 154 21.12 -6.47 9.01
N ARG D 155 20.82 -6.11 7.77
CA ARG D 155 20.15 -4.87 7.42
C ARG D 155 18.88 -5.20 6.63
N GLN D 156 17.72 -4.91 7.22
CA GLN D 156 16.44 -5.25 6.60
C GLN D 156 15.73 -4.07 5.93
N ASN D 157 15.95 -2.85 6.44
CA ASN D 157 15.25 -1.66 5.94
C ASN D 157 15.97 -1.03 4.75
N GLY D 158 15.20 -0.50 3.82
CA GLY D 158 15.75 0.19 2.65
C GLY D 158 16.07 -0.76 1.50
N VAL D 159 15.47 -1.94 1.52
CA VAL D 159 15.73 -2.96 0.51
C VAL D 159 14.59 -3.01 -0.51
N LEU D 160 14.97 -3.14 -1.77
CA LEU D 160 14.04 -3.16 -2.90
C LEU D 160 14.44 -4.28 -3.84
N ASN D 161 13.59 -5.29 -3.95
CA ASN D 161 13.85 -6.46 -4.77
C ASN D 161 12.96 -6.49 -5.99
N SER D 162 13.54 -6.90 -7.12
CA SER D 162 12.80 -7.09 -8.36
C SER D 162 13.23 -8.34 -9.11
N TRP D 163 12.25 -9.12 -9.57
CA TRP D 163 12.50 -10.34 -10.33
C TRP D 163 12.19 -10.11 -11.80
N THR D 164 13.02 -10.64 -12.70
CA THR D 164 12.66 -10.66 -14.11
C THR D 164 11.57 -11.69 -14.37
N ASP D 165 10.97 -11.57 -15.54
CA ASP D 165 10.16 -12.63 -16.13
C ASP D 165 11.13 -13.73 -16.56
N GLN D 166 10.64 -14.95 -16.65
CA GLN D 166 11.45 -16.06 -17.13
C GLN D 166 12.07 -15.77 -18.52
N ASP D 167 13.33 -16.17 -18.68
CA ASP D 167 14.10 -15.88 -19.89
C ASP D 167 13.63 -16.76 -21.05
N SER D 168 13.40 -16.16 -22.22
CA SER D 168 12.87 -16.89 -23.37
C SER D 168 13.89 -17.83 -24.03
N LYS D 169 15.17 -17.65 -23.72
CA LYS D 169 16.24 -18.50 -24.27
C LYS D 169 16.66 -19.64 -23.34
N ASP D 170 17.04 -19.31 -22.10
CA ASP D 170 17.55 -20.32 -21.16
C ASP D 170 16.61 -20.68 -20.01
N SER D 171 15.47 -20.02 -19.93
CA SER D 171 14.40 -20.36 -18.98
C SER D 171 14.75 -20.15 -17.49
N THR D 172 15.75 -19.32 -17.23
CA THR D 172 16.14 -18.98 -15.88
C THR D 172 15.49 -17.68 -15.45
N TYR D 173 15.66 -17.37 -14.19
CA TYR D 173 15.21 -16.12 -13.60
C TYR D 173 16.43 -15.35 -13.10
N SER D 174 16.22 -14.05 -12.91
CA SER D 174 17.23 -13.18 -12.34
C SER D 174 16.57 -12.27 -11.32
N MET D 175 17.34 -11.67 -10.45
CA MET D 175 16.77 -10.81 -9.43
C MET D 175 17.73 -9.70 -9.04
N SER D 176 17.18 -8.51 -8.85
CA SER D 176 17.96 -7.35 -8.44
C SER D 176 17.56 -6.94 -7.04
N SER D 177 18.56 -6.74 -6.17
CA SER D 177 18.34 -6.22 -4.83
C SER D 177 19.13 -4.94 -4.63
N THR D 178 18.44 -3.88 -4.20
CA THR D 178 19.07 -2.58 -3.97
C THR D 178 18.86 -2.20 -2.52
N LEU D 179 19.97 -2.02 -1.81
CA LEU D 179 19.97 -1.49 -0.46
C LEU D 179 20.26 -0.01 -0.55
N THR D 180 19.33 0.80 -0.07
CA THR D 180 19.50 2.25 -0.09
C THR D 180 19.68 2.77 1.33
N LEU D 181 20.80 3.46 1.54
CA LEU D 181 21.07 4.12 2.82
C LEU D 181 21.46 5.57 2.58
N THR D 182 21.48 6.37 3.66
CA THR D 182 21.98 7.72 3.57
C THR D 182 23.49 7.65 3.31
N LYS D 183 24.04 8.71 2.71
CA LYS D 183 25.46 8.79 2.44
C LYS D 183 26.31 8.77 3.72
N ASP D 184 25.80 9.40 4.79
CA ASP D 184 26.52 9.45 6.06
C ASP D 184 26.63 8.05 6.66
N GLU D 185 25.57 7.25 6.50
CA GLU D 185 25.60 5.85 6.96
C GLU D 185 26.63 5.07 6.18
N TYR D 186 26.60 5.23 4.86
CA TYR D 186 27.47 4.47 3.97
C TYR D 186 28.95 4.69 4.30
N GLU D 187 29.33 5.95 4.48
CA GLU D 187 30.73 6.34 4.72
C GLU D 187 31.22 5.91 6.10
N ARG D 188 30.29 5.54 6.97
CA ARG D 188 30.59 5.15 8.33
C ARG D 188 31.03 3.68 8.45
N HIS D 189 30.57 2.83 7.54
CA HIS D 189 30.84 1.39 7.60
C HIS D 189 31.76 0.95 6.46
N ASN D 190 32.43 -0.19 6.65
CA ASN D 190 33.40 -0.70 5.68
C ASN D 190 32.87 -1.84 4.83
N SER D 191 32.29 -2.86 5.46
CA SER D 191 31.94 -4.09 4.76
C SER D 191 30.46 -4.12 4.36
N TYR D 192 30.24 -4.42 3.09
CA TYR D 192 28.90 -4.53 2.52
C TYR D 192 28.77 -5.89 1.86
N THR D 193 27.72 -6.62 2.21
CA THR D 193 27.56 -8.00 1.81
C THR D 193 26.13 -8.30 1.43
N CYS D 194 25.92 -8.97 0.30
CA CYS D 194 24.64 -9.60 0.01
C CYS D 194 24.79 -11.11 -0.03
N GLU D 195 23.83 -11.80 0.56
CA GLU D 195 23.86 -13.26 0.70
C GLU D 195 22.59 -13.81 0.06
N ALA D 196 22.77 -14.63 -0.97
CA ALA D 196 21.64 -15.23 -1.69
C ALA D 196 21.43 -16.64 -1.19
N THR D 197 20.19 -16.97 -0.85
CA THR D 197 19.82 -18.32 -0.44
C THR D 197 18.95 -18.91 -1.54
N HIS D 198 19.33 -20.09 -2.01
CA HIS D 198 18.67 -20.76 -3.12
C HIS D 198 18.81 -22.27 -2.95
N LYS D 199 17.90 -23.04 -3.52
CA LYS D 199 17.86 -24.49 -3.28
C LYS D 199 19.09 -25.23 -3.80
N THR D 200 19.85 -24.61 -4.72
CA THR D 200 21.06 -25.23 -5.28
C THR D 200 22.23 -25.36 -4.31
N SER D 201 22.20 -24.65 -3.18
CA SER D 201 23.24 -24.77 -2.17
C SER D 201 22.67 -24.71 -0.76
N THR D 202 23.24 -25.51 0.14
CA THR D 202 22.81 -25.52 1.54
C THR D 202 23.42 -24.36 2.33
N SER D 203 24.40 -23.68 1.72
CA SER D 203 24.97 -22.46 2.29
C SER D 203 24.60 -21.25 1.41
N PRO D 204 24.62 -20.05 1.97
CA PRO D 204 24.37 -18.84 1.19
C PRO D 204 25.48 -18.56 0.19
N ILE D 205 25.10 -18.00 -0.97
CA ILE D 205 26.05 -17.55 -1.96
C ILE D 205 26.32 -16.08 -1.64
N VAL D 206 27.54 -15.80 -1.21
CA VAL D 206 27.91 -14.51 -0.66
C VAL D 206 28.68 -13.69 -1.69
N LYS D 207 28.48 -12.38 -1.66
CA LYS D 207 29.32 -11.43 -2.37
C LYS D 207 29.44 -10.19 -1.51
N SER D 208 30.65 -9.64 -1.43
CA SER D 208 30.89 -8.44 -0.63
C SER D 208 32.06 -7.63 -1.12
N PHE D 209 32.13 -6.40 -0.61
CA PHE D 209 33.27 -5.52 -0.83
C PHE D 209 33.55 -4.70 0.43
N ASN D 210 34.76 -4.17 0.50
CA ASN D 210 35.12 -3.17 1.52
C ASN D 210 35.24 -1.78 0.87
N ARG D 211 34.50 -0.82 1.43
CA ARG D 211 34.54 0.58 1.01
C ARG D 211 35.96 1.07 0.72
#